data_3O0Z
#
_entry.id   3O0Z
#
_cell.length_a   84.588
_cell.length_b   84.588
_cell.length_c   340.129
_cell.angle_alpha   90.00
_cell.angle_beta   90.00
_cell.angle_gamma   90.00
#
_symmetry.space_group_name_H-M   'P 43 21 2'
#
loop_
_entity.id
_entity.type
_entity.pdbx_description
1 polymer 'Rho-associated protein kinase 1'
2 water water
#
_entity_poly.entity_id   1
_entity_poly.type   'polypeptide(L)'
_entity_poly.pdbx_seq_one_letter_code
;GSLANEKLSQLQKQLEEANDLLRTESDTAVRLRKSHTE(MSE)SKSISQLESLNRELQERNRILENSKSQTDKDYYQLQA
ILEAERRDRGHDSE(MSE)IGDLQARITSLQEEVKHLKHNLEKVEGERKEAQD(MSE)LNHSEKEKNNLEIDLNYKLKSL
QQRLEQEVNEHKVTKARLTD
;
_entity_poly.pdbx_strand_id   A,B,C,D
#
# COMPACT_ATOMS: atom_id res chain seq x y z
N GLN A 10 -95.59 39.89 120.18
CA GLN A 10 -96.73 40.16 119.30
C GLN A 10 -96.28 40.61 117.91
N LEU A 11 -96.81 41.74 117.44
CA LEU A 11 -96.42 42.26 116.12
C LEU A 11 -95.06 42.96 116.16
N GLN A 12 -94.67 43.42 117.34
CA GLN A 12 -93.36 44.05 117.51
C GLN A 12 -92.22 43.04 117.28
N LYS A 13 -92.52 41.76 117.44
CA LYS A 13 -91.55 40.72 117.18
C LYS A 13 -91.66 40.23 115.74
N GLN A 14 -92.77 40.60 115.10
CA GLN A 14 -93.01 40.21 113.71
C GLN A 14 -92.47 41.24 112.72
N LEU A 15 -92.35 42.48 113.18
CA LEU A 15 -91.77 43.51 112.33
C LEU A 15 -90.26 43.58 112.51
N GLU A 16 -89.78 43.25 113.71
CA GLU A 16 -88.33 43.21 113.97
C GLU A 16 -87.66 42.08 113.20
N GLU A 17 -88.46 41.14 112.71
CA GLU A 17 -87.97 40.07 111.84
C GLU A 17 -87.91 40.55 110.40
N ALA A 18 -89.04 41.05 109.91
CA ALA A 18 -89.13 41.58 108.55
C ALA A 18 -88.13 42.72 108.36
N ASN A 19 -87.67 43.29 109.48
CA ASN A 19 -86.62 44.29 109.45
C ASN A 19 -85.27 43.68 109.04
N ASP A 20 -84.81 42.70 109.82
CA ASP A 20 -83.53 42.06 109.58
C ASP A 20 -83.51 41.36 108.23
N LEU A 21 -84.67 40.89 107.80
CA LEU A 21 -84.78 40.23 106.50
C LEU A 21 -84.69 41.23 105.36
N LEU A 22 -85.48 42.29 105.42
CA LEU A 22 -85.44 43.32 104.37
C LEU A 22 -84.07 43.96 104.27
N ARG A 23 -83.30 43.90 105.35
CA ARG A 23 -81.94 44.42 105.36
C ARG A 23 -81.01 43.51 104.55
N THR A 24 -80.95 42.24 104.91
CA THR A 24 -80.07 41.31 104.24
C THR A 24 -80.43 41.22 102.75
N GLU A 25 -81.69 41.47 102.41
CA GLU A 25 -82.10 41.43 101.02
C GLU A 25 -81.53 42.58 100.19
N SER A 26 -81.75 43.80 100.64
CA SER A 26 -81.15 44.95 99.95
C SER A 26 -79.63 44.92 100.06
N ASP A 27 -79.13 44.16 101.04
CA ASP A 27 -77.70 44.03 101.25
C ASP A 27 -77.12 43.12 100.18
N THR A 28 -77.62 41.90 100.13
CA THR A 28 -77.16 40.94 99.15
C THR A 28 -77.48 41.36 97.70
N ALA A 29 -78.37 42.34 97.53
CA ALA A 29 -78.64 42.91 96.20
C ALA A 29 -77.51 43.82 95.75
N VAL A 30 -76.87 44.46 96.74
CA VAL A 30 -75.67 45.27 96.50
C VAL A 30 -74.48 44.36 96.15
N ARG A 31 -74.36 43.25 96.87
CA ARG A 31 -73.30 42.27 96.63
C ARG A 31 -73.43 41.59 95.27
N LEU A 32 -74.66 41.37 94.81
CA LEU A 32 -74.88 40.77 93.50
C LEU A 32 -74.49 41.77 92.42
N ARG A 33 -74.86 43.02 92.59
CA ARG A 33 -74.48 44.06 91.65
C ARG A 33 -72.96 44.16 91.58
N LYS A 34 -72.29 44.01 92.72
CA LYS A 34 -70.83 44.01 92.71
C LYS A 34 -70.28 42.76 92.04
N SER A 35 -70.92 41.62 92.31
CA SER A 35 -70.53 40.38 91.65
C SER A 35 -70.57 40.57 90.15
N HIS A 36 -71.67 41.16 89.68
CA HIS A 36 -71.91 41.28 88.24
C HIS A 36 -71.03 42.31 87.54
N THR A 37 -70.53 43.29 88.28
CA THR A 37 -69.65 44.27 87.65
C THR A 37 -68.22 43.75 87.60
N GLU A 38 -67.91 42.75 88.40
CA GLU A 38 -66.62 42.09 88.32
C GLU A 38 -66.59 41.03 87.21
N MSE A 39 -67.74 40.42 86.95
CA MSE A 39 -67.82 39.42 85.89
C MSE A 39 -67.98 40.07 84.53
O MSE A 39 -67.68 39.46 83.51
CB MSE A 39 -68.98 38.46 86.14
CG MSE A 39 -68.85 37.62 87.41
SE MSE A 39 -70.13 36.15 87.42
CE MSE A 39 -68.90 34.69 87.02
N SER A 40 -68.44 41.31 84.52
CA SER A 40 -68.45 42.08 83.29
C SER A 40 -67.01 42.37 82.91
N LYS A 41 -66.25 42.79 83.92
CA LYS A 41 -64.84 43.20 83.79
C LYS A 41 -63.95 42.03 83.38
N SER A 42 -64.27 40.83 83.88
CA SER A 42 -63.49 39.64 83.57
C SER A 42 -63.73 39.11 82.16
N ILE A 43 -65.01 39.03 81.78
CA ILE A 43 -65.38 38.52 80.46
C ILE A 43 -64.93 39.50 79.38
N SER A 44 -64.65 40.73 79.78
CA SER A 44 -64.21 41.73 78.81
C SER A 44 -62.70 41.62 78.62
N GLN A 45 -62.00 41.31 79.70
CA GLN A 45 -60.55 41.12 79.63
C GLN A 45 -60.22 39.78 78.97
N LEU A 46 -61.18 38.86 79.05
CA LEU A 46 -61.02 37.51 78.47
C LEU A 46 -61.24 37.55 76.97
N GLU A 47 -62.14 38.43 76.53
CA GLU A 47 -62.44 38.63 75.11
C GLU A 47 -61.27 39.32 74.42
N SER A 48 -60.52 40.09 75.21
CA SER A 48 -59.36 40.79 74.68
C SER A 48 -58.11 39.90 74.74
N LEU A 49 -58.14 38.92 75.64
CA LEU A 49 -57.04 37.95 75.73
C LEU A 49 -57.15 36.86 74.66
N ASN A 50 -58.34 36.31 74.52
CA ASN A 50 -58.62 35.28 73.51
C ASN A 50 -58.36 35.78 72.10
N ARG A 51 -58.55 37.09 71.91
CA ARG A 51 -58.20 37.74 70.67
C ARG A 51 -56.70 37.61 70.42
N GLU A 52 -55.90 37.66 71.47
CA GLU A 52 -54.45 37.51 71.32
C GLU A 52 -54.04 36.06 71.06
N LEU A 53 -54.59 35.13 71.83
CA LEU A 53 -54.25 33.72 71.63
C LEU A 53 -54.64 33.21 70.25
N GLN A 54 -55.72 33.76 69.72
CA GLN A 54 -56.19 33.41 68.38
C GLN A 54 -55.18 33.82 67.30
N GLU A 55 -54.51 34.94 67.55
CA GLU A 55 -53.56 35.53 66.63
C GLU A 55 -52.17 34.87 66.72
N ARG A 56 -51.74 34.54 67.93
CA ARG A 56 -50.51 33.77 68.10
C ARG A 56 -50.67 32.41 67.44
N ASN A 57 -51.88 31.87 67.48
CA ASN A 57 -52.14 30.59 66.85
C ASN A 57 -52.15 30.67 65.33
N ARG A 58 -52.79 31.70 64.79
CA ARG A 58 -52.79 31.93 63.36
C ARG A 58 -51.34 31.97 62.88
N ILE A 59 -50.50 32.68 63.62
CA ILE A 59 -49.07 32.80 63.32
C ILE A 59 -48.33 31.48 63.42
N LEU A 60 -48.57 30.74 64.48
CA LEU A 60 -47.98 29.41 64.66
C LEU A 60 -48.26 28.53 63.44
N GLU A 61 -49.50 28.55 62.98
CA GLU A 61 -49.96 27.71 61.89
C GLU A 61 -49.20 27.99 60.61
N ASN A 62 -49.12 29.27 60.25
CA ASN A 62 -48.41 29.68 59.05
C ASN A 62 -46.94 29.36 59.21
N SER A 63 -46.44 29.57 60.43
CA SER A 63 -45.08 29.21 60.79
C SER A 63 -44.80 27.75 60.45
N LYS A 64 -45.67 26.87 60.88
CA LYS A 64 -45.44 25.44 60.72
C LYS A 64 -45.54 25.05 59.26
N SER A 65 -46.43 25.74 58.55
CA SER A 65 -46.68 25.49 57.13
C SER A 65 -45.47 25.94 56.28
N GLN A 66 -44.82 27.00 56.75
CA GLN A 66 -43.61 27.52 56.16
C GLN A 66 -42.46 26.52 56.37
N THR A 67 -42.37 25.96 57.56
CA THR A 67 -41.34 24.98 57.90
C THR A 67 -41.46 23.77 57.00
N ASP A 68 -42.70 23.44 56.65
CA ASP A 68 -42.97 22.29 55.81
C ASP A 68 -42.43 22.55 54.42
N LYS A 69 -42.64 23.76 53.91
CA LYS A 69 -42.26 24.09 52.56
C LYS A 69 -40.77 24.03 52.46
N ASP A 70 -40.11 24.60 53.45
CA ASP A 70 -38.65 24.59 53.48
C ASP A 70 -38.11 23.19 53.56
N TYR A 71 -38.78 22.30 54.28
CA TYR A 71 -38.33 20.91 54.31
C TYR A 71 -38.47 20.31 52.93
N TYR A 72 -39.67 20.42 52.36
CA TYR A 72 -39.93 19.79 51.08
C TYR A 72 -38.94 20.30 50.02
N GLN A 73 -38.66 21.58 50.07
CA GLN A 73 -37.80 22.22 49.07
C GLN A 73 -36.39 21.63 49.08
N LEU A 74 -35.93 21.23 50.25
CA LEU A 74 -34.61 20.63 50.38
C LEU A 74 -34.66 19.17 49.90
N GLN A 75 -35.84 18.56 49.94
CA GLN A 75 -36.01 17.20 49.44
C GLN A 75 -35.91 17.22 47.93
N ALA A 76 -36.45 18.28 47.35
CA ALA A 76 -36.51 18.41 45.92
C ALA A 76 -35.09 18.57 45.46
N ILE A 77 -34.31 19.35 46.20
CA ILE A 77 -32.88 19.51 45.91
C ILE A 77 -32.13 18.21 46.06
N LEU A 78 -32.52 17.40 47.03
CA LEU A 78 -31.87 16.13 47.25
C LEU A 78 -32.18 15.22 46.09
N GLU A 79 -33.44 15.19 45.68
CA GLU A 79 -33.82 14.30 44.58
C GLU A 79 -33.22 14.70 43.23
N ALA A 80 -32.85 15.98 43.09
CA ALA A 80 -32.14 16.44 41.91
C ALA A 80 -30.69 16.03 42.02
N GLU A 81 -30.08 16.22 43.18
CA GLU A 81 -28.70 15.72 43.36
C GLU A 81 -28.67 14.27 42.99
N ARG A 82 -29.55 13.47 43.58
CA ARG A 82 -29.52 12.04 43.33
C ARG A 82 -29.60 11.71 41.83
N ARG A 83 -30.43 12.46 41.11
CA ARG A 83 -30.61 12.31 39.68
C ARG A 83 -29.26 12.52 38.95
N ASP A 84 -28.51 13.54 39.36
CA ASP A 84 -27.17 13.77 38.85
C ASP A 84 -26.16 12.68 39.25
N ARG A 85 -25.96 12.45 40.56
CA ARG A 85 -25.11 11.30 40.96
C ARG A 85 -25.40 10.05 40.11
N GLY A 86 -26.65 9.96 39.64
CA GLY A 86 -27.10 8.88 38.79
C GLY A 86 -26.44 8.94 37.41
N HIS A 87 -26.36 10.13 36.83
CA HIS A 87 -25.74 10.29 35.53
C HIS A 87 -24.25 9.97 35.62
N ASP A 88 -23.63 10.30 36.76
CA ASP A 88 -22.23 9.94 37.03
C ASP A 88 -22.01 8.43 37.07
N SER A 89 -22.98 7.69 37.59
CA SER A 89 -22.91 6.23 37.63
C SER A 89 -23.09 5.60 36.24
N GLU A 90 -23.85 6.26 35.38
CA GLU A 90 -24.06 5.81 34.03
C GLU A 90 -22.75 6.01 33.32
N MSE A 91 -22.22 7.23 33.44
CA MSE A 91 -20.96 7.60 32.80
CA MSE A 91 -20.96 7.60 32.81
C MSE A 91 -19.82 6.67 33.23
O MSE A 91 -19.07 6.18 32.40
CB MSE A 91 -20.62 9.05 33.12
CB MSE A 91 -20.63 9.08 33.11
CG MSE A 91 -19.72 9.67 32.07
CG MSE A 91 -19.30 9.61 32.56
SE MSE A 91 -19.11 11.43 32.53
SE MSE A 91 -19.13 9.73 30.58
CE MSE A 91 -20.84 12.22 33.03
CE MSE A 91 -17.56 10.90 30.48
N ILE A 92 -19.69 6.43 34.54
CA ILE A 92 -18.62 5.56 35.03
C ILE A 92 -18.77 4.16 34.46
N GLY A 93 -20.01 3.72 34.37
CA GLY A 93 -20.31 2.44 33.76
C GLY A 93 -19.90 2.33 32.30
N ASP A 94 -20.08 3.42 31.54
CA ASP A 94 -19.78 3.40 30.11
C ASP A 94 -18.29 3.51 29.86
N LEU A 95 -17.60 4.32 30.64
CA LEU A 95 -16.15 4.41 30.53
C LEU A 95 -15.54 3.04 30.84
N GLN A 96 -15.99 2.41 31.90
CA GLN A 96 -15.51 1.06 32.24
C GLN A 96 -15.75 0.04 31.13
N ALA A 97 -16.92 0.09 30.51
CA ALA A 97 -17.22 -0.83 29.43
C ALA A 97 -16.36 -0.55 28.22
N ARG A 98 -16.08 0.72 27.98
CA ARG A 98 -15.33 1.11 26.81
C ARG A 98 -13.88 0.65 27.03
N ILE A 99 -13.40 0.81 28.26
CA ILE A 99 -12.06 0.37 28.64
C ILE A 99 -11.90 -1.12 28.40
N THR A 100 -12.82 -1.90 28.94
CA THR A 100 -12.81 -3.33 28.70
C THR A 100 -12.71 -3.68 27.21
N SER A 101 -13.48 -2.98 26.39
CA SER A 101 -13.53 -3.23 24.96
C SER A 101 -12.18 -2.91 24.30
N LEU A 102 -11.67 -1.71 24.57
CA LEU A 102 -10.37 -1.29 24.13
C LEU A 102 -9.28 -2.30 24.50
N GLN A 103 -9.35 -2.86 25.69
CA GLN A 103 -8.27 -3.74 26.13
C GLN A 103 -8.24 -4.98 25.29
N GLU A 104 -9.41 -5.54 25.00
CA GLU A 104 -9.46 -6.77 24.26
C GLU A 104 -9.12 -6.48 22.81
N GLU A 105 -9.33 -5.23 22.39
CA GLU A 105 -8.92 -4.83 21.06
C GLU A 105 -7.39 -4.81 20.97
N VAL A 106 -6.75 -4.13 21.92
CA VAL A 106 -5.30 -4.16 22.06
C VAL A 106 -4.74 -5.60 21.99
N LYS A 107 -5.23 -6.48 22.85
CA LYS A 107 -4.87 -7.89 22.85
C LYS A 107 -4.95 -8.47 21.46
N HIS A 108 -6.11 -8.30 20.84
CA HIS A 108 -6.34 -8.83 19.51
C HIS A 108 -5.35 -8.31 18.46
N LEU A 109 -5.14 -7.00 18.46
CA LEU A 109 -4.20 -6.38 17.55
C LEU A 109 -2.79 -6.85 17.80
N LYS A 110 -2.38 -6.92 19.07
CA LYS A 110 -1.06 -7.45 19.38
C LYS A 110 -0.90 -8.85 18.77
N HIS A 111 -1.88 -9.70 19.00
CA HIS A 111 -1.84 -11.05 18.48
C HIS A 111 -1.77 -11.06 16.95
N ASN A 112 -2.33 -10.04 16.32
CA ASN A 112 -2.23 -9.95 14.87
C ASN A 112 -0.85 -9.48 14.41
N LEU A 113 -0.36 -8.40 15.02
CA LEU A 113 1.02 -7.98 14.89
C LEU A 113 1.98 -9.18 14.92
N GLU A 114 1.92 -9.98 15.99
CA GLU A 114 2.80 -11.14 16.13
C GLU A 114 2.73 -12.01 14.90
N LYS A 115 1.52 -12.34 14.50
CA LYS A 115 1.31 -13.28 13.42
C LYS A 115 1.90 -12.70 12.12
N VAL A 116 1.48 -11.48 11.77
CA VAL A 116 2.00 -10.86 10.58
C VAL A 116 3.52 -10.68 10.61
N GLU A 117 4.05 -10.30 11.76
CA GLU A 117 5.50 -10.21 11.91
C GLU A 117 6.15 -11.56 11.57
N GLY A 118 5.57 -12.65 12.04
CA GLY A 118 6.04 -14.00 11.67
C GLY A 118 6.01 -14.23 10.16
N GLU A 119 4.89 -13.89 9.52
CA GLU A 119 4.78 -14.02 8.07
C GLU A 119 5.76 -13.11 7.32
N ARG A 120 6.10 -11.97 7.89
CA ARG A 120 7.06 -11.11 7.24
C ARG A 120 8.40 -11.84 7.27
N LYS A 121 8.74 -12.43 8.43
CA LYS A 121 10.02 -13.13 8.56
C LYS A 121 10.15 -14.21 7.50
N GLU A 122 9.20 -15.15 7.48
CA GLU A 122 9.22 -16.19 6.48
C GLU A 122 9.37 -15.60 5.09
N ALA A 123 8.60 -14.58 4.76
CA ALA A 123 8.75 -13.97 3.44
C ALA A 123 10.19 -13.52 3.21
N GLN A 124 10.75 -12.80 4.19
CA GLN A 124 12.09 -12.28 4.04
C GLN A 124 13.10 -13.44 3.90
N ASP A 125 12.91 -14.51 4.68
CA ASP A 125 13.78 -15.69 4.52
C ASP A 125 13.76 -16.24 3.10
N MSE A 126 12.57 -16.37 2.51
CA MSE A 126 12.48 -16.92 1.16
CA MSE A 126 12.42 -16.89 1.15
C MSE A 126 13.08 -15.96 0.15
O MSE A 126 13.75 -16.39 -0.80
CB MSE A 126 11.04 -17.32 0.80
CB MSE A 126 10.94 -17.05 0.80
CG MSE A 126 10.52 -18.52 1.61
CG MSE A 126 10.23 -18.13 1.61
SE MSE A 126 11.79 -19.97 1.97
SE MSE A 126 8.35 -18.34 1.14
CE MSE A 126 12.36 -20.36 0.12
CE MSE A 126 8.58 -18.99 -0.65
N LEU A 127 12.87 -14.66 0.36
CA LEU A 127 13.47 -13.64 -0.48
C LEU A 127 14.97 -13.75 -0.40
N ASN A 128 15.49 -13.90 0.81
CA ASN A 128 16.94 -13.93 0.98
C ASN A 128 17.55 -15.11 0.27
N HIS A 129 16.94 -16.27 0.46
CA HIS A 129 17.42 -17.48 -0.16
C HIS A 129 17.37 -17.32 -1.67
N SER A 130 16.32 -16.73 -2.20
CA SER A 130 16.20 -16.55 -3.63
C SER A 130 17.31 -15.62 -4.13
N GLU A 131 17.58 -14.55 -3.39
CA GLU A 131 18.60 -13.62 -3.82
C GLU A 131 20.00 -14.24 -3.78
N LYS A 132 20.30 -14.99 -2.72
CA LYS A 132 21.60 -15.63 -2.63
C LYS A 132 21.76 -16.67 -3.76
N GLU A 133 20.76 -17.53 -3.91
CA GLU A 133 20.80 -18.54 -4.95
C GLU A 133 21.01 -17.93 -6.34
N LYS A 134 20.33 -16.81 -6.58
CA LYS A 134 20.46 -16.10 -7.85
C LYS A 134 21.83 -15.47 -7.98
N ASN A 135 22.37 -15.03 -6.86
CA ASN A 135 23.67 -14.39 -6.85
C ASN A 135 24.78 -15.40 -7.17
N ASN A 136 24.61 -16.59 -6.63
CA ASN A 136 25.55 -17.65 -6.84
C ASN A 136 25.51 -18.02 -8.31
N LEU A 137 24.32 -18.06 -8.87
CA LEU A 137 24.16 -18.37 -10.28
C LEU A 137 24.92 -17.36 -11.13
N GLU A 138 24.64 -16.08 -10.93
CA GLU A 138 25.32 -15.03 -11.68
C GLU A 138 26.83 -15.10 -11.57
N ILE A 139 27.33 -15.46 -10.41
CA ILE A 139 28.76 -15.42 -10.16
C ILE A 139 29.40 -16.57 -10.91
N ASP A 140 28.74 -17.71 -10.85
CA ASP A 140 29.19 -18.94 -11.50
C ASP A 140 29.21 -18.76 -13.04
N LEU A 141 28.07 -18.39 -13.62
CA LEU A 141 27.96 -18.21 -15.06
C LEU A 141 28.98 -17.22 -15.57
N ASN A 142 29.12 -16.11 -14.85
CA ASN A 142 30.08 -15.09 -15.23
C ASN A 142 31.48 -15.66 -15.43
N TYR A 143 32.00 -16.40 -14.44
CA TYR A 143 33.33 -16.96 -14.48
CA TYR A 143 33.35 -16.92 -14.53
C TYR A 143 33.43 -18.04 -15.54
N LYS A 144 32.37 -18.80 -15.69
CA LYS A 144 32.42 -19.92 -16.63
C LYS A 144 32.31 -19.47 -18.09
N LEU A 145 31.42 -18.49 -18.33
CA LEU A 145 31.27 -17.95 -19.67
C LEU A 145 32.58 -17.27 -20.06
N LYS A 146 33.15 -16.51 -19.15
CA LYS A 146 34.41 -15.85 -19.44
C LYS A 146 35.48 -16.89 -19.72
N SER A 147 35.34 -18.08 -19.15
CA SER A 147 36.38 -19.09 -19.23
C SER A 147 36.30 -19.71 -20.61
N LEU A 148 35.15 -19.59 -21.23
CA LEU A 148 34.94 -20.13 -22.55
C LEU A 148 35.55 -19.14 -23.51
N GLN A 149 35.33 -17.87 -23.21
CA GLN A 149 35.75 -16.83 -24.13
C GLN A 149 37.25 -16.69 -24.08
N GLN A 150 37.82 -17.04 -22.95
CA GLN A 150 39.25 -17.01 -22.77
C GLN A 150 39.91 -18.12 -23.56
N ARG A 151 39.29 -19.29 -23.54
CA ARG A 151 39.86 -20.44 -24.19
C ARG A 151 39.88 -20.22 -25.72
N LEU A 152 38.91 -19.45 -26.22
CA LEU A 152 38.80 -19.15 -27.64
C LEU A 152 39.78 -18.06 -27.96
N GLU A 153 39.92 -17.10 -27.06
CA GLU A 153 40.89 -16.05 -27.23
C GLU A 153 42.30 -16.66 -27.29
N GLN A 154 42.56 -17.68 -26.48
CA GLN A 154 43.91 -18.23 -26.38
C GLN A 154 44.29 -19.02 -27.62
N GLU A 155 43.31 -19.34 -28.45
CA GLU A 155 43.58 -20.02 -29.72
C GLU A 155 43.81 -18.99 -30.81
N VAL A 156 42.94 -17.99 -30.86
CA VAL A 156 43.09 -16.88 -31.80
C VAL A 156 44.47 -16.27 -31.69
N ASN A 157 44.80 -15.86 -30.48
CA ASN A 157 46.03 -15.14 -30.24
C ASN A 157 47.28 -16.03 -30.36
N GLU A 158 47.06 -17.34 -30.50
CA GLU A 158 48.16 -18.29 -30.61
C GLU A 158 48.89 -18.10 -31.95
N HIS A 159 48.16 -17.81 -33.02
CA HIS A 159 48.75 -17.67 -34.36
C HIS A 159 48.86 -16.22 -34.86
N LYS A 160 48.40 -15.25 -34.08
CA LYS A 160 48.47 -13.85 -34.50
C LYS A 160 49.91 -13.45 -34.77
N VAL A 161 50.22 -13.13 -36.02
CA VAL A 161 51.61 -12.82 -36.43
C VAL A 161 51.78 -11.38 -36.92
N SER B 9 -109.24 46.54 106.03
CA SER B 9 -109.74 46.51 104.66
C SER B 9 -109.20 47.67 103.85
N GLN B 10 -108.26 48.40 104.44
CA GLN B 10 -107.40 49.32 103.70
C GLN B 10 -105.95 48.83 103.84
N LEU B 11 -105.61 48.36 105.03
CA LEU B 11 -104.32 47.73 105.30
C LEU B 11 -104.33 46.31 104.76
N GLN B 12 -105.50 45.84 104.34
CA GLN B 12 -105.61 44.56 103.67
C GLN B 12 -105.10 44.70 102.26
N LYS B 13 -105.08 45.93 101.76
CA LYS B 13 -104.55 46.20 100.43
C LYS B 13 -103.03 46.31 100.47
N GLN B 14 -102.50 46.78 101.59
CA GLN B 14 -101.05 46.84 101.80
C GLN B 14 -100.45 45.43 101.88
N LEU B 15 -101.26 44.48 102.35
CA LEU B 15 -100.86 43.07 102.37
C LEU B 15 -101.16 42.42 101.03
N GLU B 16 -101.71 43.20 100.10
CA GLU B 16 -101.85 42.76 98.72
C GLU B 16 -100.65 43.23 97.90
N GLU B 17 -100.09 44.36 98.30
CA GLU B 17 -98.83 44.84 97.74
C GLU B 17 -97.72 43.86 98.11
N ALA B 18 -97.48 43.73 99.41
CA ALA B 18 -96.43 42.85 99.91
C ALA B 18 -96.53 41.43 99.33
N ASN B 19 -97.73 40.87 99.36
CA ASN B 19 -97.92 39.55 98.75
C ASN B 19 -97.49 39.54 97.30
N ASP B 20 -97.90 40.58 96.56
CA ASP B 20 -97.61 40.66 95.15
C ASP B 20 -96.12 40.87 94.85
N LEU B 21 -95.44 41.58 95.75
CA LEU B 21 -94.01 41.81 95.60
C LEU B 21 -93.21 40.56 95.97
N LEU B 22 -93.58 39.88 97.05
CA LEU B 22 -92.92 38.64 97.41
C LEU B 22 -93.13 37.54 96.38
N ARG B 23 -93.96 37.79 95.36
CA ARG B 23 -94.07 36.88 94.23
C ARG B 23 -93.22 37.35 93.06
N THR B 24 -93.23 38.65 92.77
CA THR B 24 -92.37 39.19 91.73
C THR B 24 -90.91 39.03 92.12
N GLU B 25 -90.63 39.08 93.41
CA GLU B 25 -89.27 38.86 93.91
C GLU B 25 -88.90 37.38 93.93
N SER B 26 -89.80 36.51 94.39
CA SER B 26 -89.52 35.08 94.38
C SER B 26 -89.39 34.58 92.94
N ASP B 27 -89.84 35.40 91.99
CA ASP B 27 -89.83 35.03 90.59
C ASP B 27 -88.52 35.43 89.92
N THR B 28 -88.02 36.62 90.24
CA THR B 28 -86.72 37.03 89.74
C THR B 28 -85.58 36.34 90.50
N ALA B 29 -85.89 35.61 91.56
CA ALA B 29 -84.87 34.83 92.24
C ALA B 29 -84.72 33.50 91.53
N VAL B 30 -85.68 33.21 90.67
CA VAL B 30 -85.65 31.97 89.90
C VAL B 30 -85.10 32.20 88.48
N ARG B 31 -85.29 33.42 87.97
CA ARG B 31 -84.71 33.79 86.69
C ARG B 31 -83.19 33.95 86.83
N LEU B 32 -82.77 34.30 88.04
CA LEU B 32 -81.35 34.37 88.38
C LEU B 32 -80.74 32.97 88.53
N ARG B 33 -81.34 32.13 89.34
CA ARG B 33 -80.83 30.78 89.51
C ARG B 33 -80.69 30.07 88.16
N LYS B 34 -81.51 30.47 87.19
CA LYS B 34 -81.41 29.92 85.85
C LYS B 34 -80.31 30.61 85.03
N SER B 35 -80.29 31.94 85.08
CA SER B 35 -79.24 32.70 84.41
C SER B 35 -77.89 32.18 84.84
N HIS B 36 -77.67 32.12 86.15
CA HIS B 36 -76.37 31.68 86.64
C HIS B 36 -76.00 30.28 86.17
N THR B 37 -76.97 29.37 86.07
CA THR B 37 -76.62 28.04 85.60
C THR B 37 -76.29 28.04 84.10
N GLU B 38 -76.90 28.95 83.34
CA GLU B 38 -76.61 29.07 81.92
C GLU B 38 -75.24 29.67 81.67
N MSE B 39 -74.82 30.57 82.55
CA MSE B 39 -73.49 31.16 82.47
C MSE B 39 -72.40 30.16 82.90
O MSE B 39 -71.32 30.14 82.32
CB MSE B 39 -73.38 32.43 83.32
CG MSE B 39 -73.94 33.69 82.67
SE MSE B 39 -73.79 35.29 83.83
CE MSE B 39 -74.24 34.50 85.57
N SER B 40 -72.67 29.36 83.91
CA SER B 40 -71.67 28.40 84.37
C SER B 40 -71.53 27.28 83.34
N LYS B 41 -72.43 27.27 82.37
CA LYS B 41 -72.32 26.35 81.24
C LYS B 41 -71.38 26.95 80.23
N SER B 42 -71.68 28.17 79.80
CA SER B 42 -70.81 28.89 78.88
C SER B 42 -69.37 28.84 79.36
N ILE B 43 -69.13 29.33 80.58
CA ILE B 43 -67.79 29.34 81.14
C ILE B 43 -67.13 27.96 81.12
N SER B 44 -67.94 26.90 81.23
CA SER B 44 -67.39 25.55 81.25
C SER B 44 -67.01 25.10 79.84
N GLN B 45 -67.74 25.62 78.87
CA GLN B 45 -67.49 25.35 77.46
C GLN B 45 -66.30 26.18 76.97
N LEU B 46 -66.15 27.37 77.53
CA LEU B 46 -65.00 28.19 77.20
C LEU B 46 -63.73 27.50 77.73
N GLU B 47 -63.79 26.98 78.95
CA GLU B 47 -62.66 26.24 79.49
C GLU B 47 -62.29 25.11 78.54
N SER B 48 -63.31 24.44 78.02
CA SER B 48 -63.13 23.38 77.04
C SER B 48 -62.35 23.89 75.83
N LEU B 49 -62.99 24.75 75.04
CA LEU B 49 -62.32 25.34 73.88
C LEU B 49 -60.89 25.76 74.20
N ASN B 50 -60.70 26.33 75.38
CA ASN B 50 -59.39 26.79 75.80
C ASN B 50 -58.35 25.68 75.96
N ARG B 51 -58.77 24.51 76.41
CA ARG B 51 -57.84 23.38 76.55
C ARG B 51 -57.55 22.78 75.17
N GLU B 52 -58.55 22.85 74.30
CA GLU B 52 -58.41 22.41 72.93
C GLU B 52 -57.45 23.31 72.17
N LEU B 53 -57.74 24.61 72.17
CA LEU B 53 -56.83 25.54 71.53
C LEU B 53 -55.42 25.29 72.04
N GLN B 54 -55.27 25.06 73.34
CA GLN B 54 -53.93 24.85 73.88
C GLN B 54 -53.29 23.56 73.37
N GLU B 55 -54.12 22.56 73.09
CA GLU B 55 -53.67 21.29 72.56
C GLU B 55 -53.13 21.44 71.14
N ARG B 56 -53.93 22.04 70.26
CA ARG B 56 -53.47 22.34 68.91
C ARG B 56 -52.12 23.06 68.95
N ASN B 57 -51.99 24.14 69.71
CA ASN B 57 -50.68 24.78 69.81
C ASN B 57 -49.57 23.78 70.11
N ARG B 58 -49.81 22.87 71.06
CA ARG B 58 -48.78 21.93 71.50
C ARG B 58 -48.37 21.01 70.36
N ILE B 59 -49.37 20.52 69.64
CA ILE B 59 -49.15 19.64 68.52
C ILE B 59 -48.42 20.39 67.40
N LEU B 60 -48.94 21.56 67.04
CA LEU B 60 -48.28 22.47 66.13
C LEU B 60 -46.83 22.66 66.50
N GLU B 61 -46.55 23.08 67.73
CA GLU B 61 -45.16 23.34 68.12
C GLU B 61 -44.28 22.09 68.03
N ASN B 62 -44.87 20.93 68.30
CA ASN B 62 -44.15 19.66 68.32
C ASN B 62 -43.90 19.15 66.91
N SER B 63 -44.94 19.21 66.09
CA SER B 63 -44.83 18.75 64.73
C SER B 63 -43.81 19.68 64.07
N LYS B 64 -43.93 20.98 64.31
CA LYS B 64 -42.97 21.94 63.76
C LYS B 64 -41.53 21.66 64.20
N SER B 65 -41.35 21.20 65.42
CA SER B 65 -40.01 20.94 65.94
C SER B 65 -39.43 19.63 65.42
N GLN B 66 -40.29 18.63 65.19
CA GLN B 66 -39.80 17.38 64.64
CA GLN B 66 -39.86 17.35 64.61
C GLN B 66 -39.37 17.61 63.18
N THR B 67 -40.02 18.55 62.50
CA THR B 67 -39.70 18.85 61.13
C THR B 67 -38.35 19.57 61.04
N ASP B 68 -38.02 20.37 62.04
CA ASP B 68 -36.73 21.05 62.07
C ASP B 68 -35.64 20.01 62.24
N LYS B 69 -35.89 19.04 63.10
CA LYS B 69 -34.91 18.02 63.35
C LYS B 69 -34.71 17.20 62.08
N ASP B 70 -35.81 16.89 61.39
CA ASP B 70 -35.74 16.08 60.19
C ASP B 70 -35.01 16.83 59.09
N TYR B 71 -35.18 18.15 59.09
CA TYR B 71 -34.51 19.02 58.13
C TYR B 71 -33.01 18.91 58.27
N TYR B 72 -32.52 18.98 59.50
CA TYR B 72 -31.08 18.84 59.72
C TYR B 72 -30.54 17.45 59.40
N GLN B 73 -31.29 16.39 59.71
CA GLN B 73 -30.93 15.06 59.22
C GLN B 73 -30.81 15.07 57.69
N LEU B 74 -31.81 15.65 57.04
CA LEU B 74 -31.82 15.71 55.58
C LEU B 74 -30.58 16.41 55.06
N GLN B 75 -30.24 17.54 55.64
CA GLN B 75 -29.04 18.25 55.24
C GLN B 75 -27.82 17.36 55.38
N ALA B 76 -27.74 16.61 56.47
CA ALA B 76 -26.62 15.69 56.66
C ALA B 76 -26.56 14.62 55.58
N ILE B 77 -27.71 14.08 55.20
CA ILE B 77 -27.73 13.20 54.02
C ILE B 77 -27.16 13.93 52.81
N LEU B 78 -27.53 15.18 52.59
CA LEU B 78 -26.93 15.86 51.42
C LEU B 78 -25.42 15.96 51.50
N GLU B 79 -24.87 16.30 52.66
CA GLU B 79 -23.42 16.48 52.73
C GLU B 79 -22.76 15.12 52.53
N ALA B 80 -23.23 14.13 53.28
CA ALA B 80 -22.64 12.78 53.22
C ALA B 80 -22.63 12.26 51.80
N GLU B 81 -23.80 12.23 51.18
CA GLU B 81 -23.89 11.74 49.81
C GLU B 81 -23.12 12.59 48.80
N ARG B 82 -22.82 13.85 49.12
CA ARG B 82 -22.05 14.70 48.19
C ARG B 82 -20.56 14.42 48.23
N ARG B 83 -20.09 13.73 49.26
CA ARG B 83 -18.71 13.28 49.26
C ARG B 83 -18.54 12.18 48.21
N ASP B 84 -19.54 11.30 48.11
CA ASP B 84 -19.46 10.18 47.18
C ASP B 84 -19.53 10.67 45.72
N ARG B 85 -19.58 11.99 45.53
CA ARG B 85 -19.59 12.58 44.19
C ARG B 85 -18.24 13.21 43.89
N GLY B 86 -17.50 13.55 44.94
CA GLY B 86 -16.15 14.04 44.77
C GLY B 86 -15.31 12.87 44.31
N HIS B 87 -15.61 11.71 44.88
CA HIS B 87 -14.88 10.49 44.52
C HIS B 87 -15.25 10.03 43.10
N ASP B 88 -16.54 10.02 42.78
CA ASP B 88 -17.03 9.68 41.45
C ASP B 88 -16.33 10.52 40.36
N SER B 89 -16.07 11.77 40.66
CA SER B 89 -15.51 12.67 39.67
C SER B 89 -14.02 12.43 39.43
N GLU B 90 -13.32 12.06 40.50
CA GLU B 90 -11.91 11.69 40.44
C GLU B 90 -11.76 10.41 39.61
N MSE B 91 -12.70 9.48 39.79
CA MSE B 91 -12.72 8.24 39.02
CA MSE B 91 -12.73 8.23 39.03
C MSE B 91 -12.94 8.50 37.54
O MSE B 91 -12.16 8.04 36.71
CB MSE B 91 -13.84 7.32 39.52
CB MSE B 91 -13.83 7.31 39.56
CG MSE B 91 -13.47 6.48 40.71
CG MSE B 91 -14.06 6.03 38.75
SE MSE B 91 -14.98 5.32 41.10
SE MSE B 91 -12.59 4.73 38.90
CE MSE B 91 -15.27 4.64 39.32
CE MSE B 91 -12.53 4.61 40.84
N ILE B 92 -13.99 9.23 37.22
CA ILE B 92 -14.31 9.51 35.83
C ILE B 92 -13.09 10.05 35.12
N GLY B 93 -12.29 10.84 35.83
CA GLY B 93 -11.07 11.38 35.27
C GLY B 93 -10.04 10.30 35.02
N ASP B 94 -9.88 9.39 35.99
CA ASP B 94 -8.91 8.32 35.85
C ASP B 94 -9.26 7.37 34.69
N LEU B 95 -10.55 7.09 34.52
CA LEU B 95 -10.98 6.16 33.49
C LEU B 95 -10.88 6.84 32.15
N GLN B 96 -11.01 8.16 32.16
CA GLN B 96 -10.88 8.88 30.92
C GLN B 96 -9.42 8.91 30.47
N ALA B 97 -8.52 8.83 31.44
CA ALA B 97 -7.10 8.80 31.17
C ALA B 97 -6.72 7.42 30.63
N ARG B 98 -7.20 6.37 31.31
CA ARG B 98 -6.90 5.01 30.90
CA ARG B 98 -6.93 4.99 30.91
C ARG B 98 -7.45 4.76 29.49
N ILE B 99 -8.49 5.49 29.13
CA ILE B 99 -9.08 5.31 27.82
C ILE B 99 -8.26 5.97 26.72
N THR B 100 -7.64 7.12 27.01
CA THR B 100 -6.85 7.74 25.96
C THR B 100 -5.55 6.99 25.74
N SER B 101 -4.92 6.49 26.81
CA SER B 101 -3.78 5.61 26.66
C SER B 101 -4.11 4.47 25.70
N LEU B 102 -5.25 3.82 25.94
CA LEU B 102 -5.61 2.66 25.12
C LEU B 102 -5.88 3.03 23.68
N GLN B 103 -6.57 4.13 23.46
CA GLN B 103 -6.82 4.60 22.10
C GLN B 103 -5.51 4.90 21.37
N GLU B 104 -4.47 5.20 22.13
CA GLU B 104 -3.16 5.46 21.55
C GLU B 104 -2.43 4.15 21.30
N GLU B 105 -2.53 3.23 22.24
CA GLU B 105 -1.90 1.93 22.06
C GLU B 105 -2.50 1.29 20.81
N VAL B 106 -3.78 1.53 20.57
CA VAL B 106 -4.48 0.98 19.41
C VAL B 106 -4.02 1.67 18.13
N LYS B 107 -3.92 2.99 18.19
CA LYS B 107 -3.48 3.77 17.05
C LYS B 107 -2.08 3.30 16.63
N HIS B 108 -1.22 3.09 17.61
CA HIS B 108 0.14 2.67 17.37
C HIS B 108 0.21 1.23 16.83
N LEU B 109 -0.59 0.32 17.38
CA LEU B 109 -0.59 -1.05 16.89
C LEU B 109 -1.13 -1.10 15.47
N LYS B 110 -2.22 -0.38 15.22
CA LYS B 110 -2.80 -0.31 13.89
C LYS B 110 -1.77 0.19 12.87
N HIS B 111 -0.87 1.06 13.32
CA HIS B 111 0.13 1.59 12.42
C HIS B 111 1.16 0.49 12.15
N ASN B 112 1.79 -0.02 13.21
CA ASN B 112 2.68 -1.15 13.10
C ASN B 112 2.14 -2.31 12.26
N LEU B 113 0.85 -2.57 12.34
CA LEU B 113 0.31 -3.66 11.56
C LEU B 113 0.28 -3.31 10.06
N GLU B 114 0.05 -2.04 9.74
CA GLU B 114 -0.03 -1.62 8.37
C GLU B 114 1.37 -1.69 7.75
N LYS B 115 2.37 -1.23 8.51
CA LYS B 115 3.73 -1.26 8.02
C LYS B 115 4.29 -2.68 7.89
N VAL B 116 4.26 -3.43 8.97
CA VAL B 116 4.73 -4.81 8.96
C VAL B 116 4.06 -5.63 7.87
N GLU B 117 2.89 -5.20 7.41
CA GLU B 117 2.23 -5.98 6.39
C GLU B 117 2.62 -5.44 5.03
N GLY B 118 3.12 -4.20 5.03
CA GLY B 118 3.63 -3.61 3.81
C GLY B 118 4.93 -4.31 3.48
N GLU B 119 5.81 -4.36 4.48
CA GLU B 119 7.05 -5.07 4.39
C GLU B 119 6.83 -6.51 3.88
N ARG B 120 5.83 -7.20 4.41
CA ARG B 120 5.56 -8.55 3.94
C ARG B 120 5.25 -8.52 2.46
N LYS B 121 4.31 -7.68 2.07
CA LYS B 121 3.88 -7.68 0.68
C LYS B 121 5.07 -7.45 -0.22
N GLU B 122 5.86 -6.43 0.10
CA GLU B 122 6.95 -6.06 -0.76
C GLU B 122 7.94 -7.22 -0.91
N ALA B 123 8.27 -7.87 0.20
CA ALA B 123 9.18 -9.01 0.19
C ALA B 123 8.63 -10.14 -0.66
N GLN B 124 7.32 -10.22 -0.76
CA GLN B 124 6.72 -11.25 -1.59
C GLN B 124 6.87 -10.86 -3.06
N ASP B 125 6.84 -9.57 -3.33
CA ASP B 125 6.93 -9.10 -4.69
C ASP B 125 8.37 -9.27 -5.21
N MSE B 126 9.30 -8.78 -4.40
CA MSE B 126 10.71 -8.90 -4.70
CA MSE B 126 10.71 -8.91 -4.71
C MSE B 126 11.08 -10.37 -4.94
O MSE B 126 11.84 -10.70 -5.84
CB MSE B 126 11.55 -8.30 -3.55
CB MSE B 126 11.56 -8.30 -3.61
CG MSE B 126 11.24 -6.82 -3.22
CG MSE B 126 11.82 -6.81 -3.78
SE MSE B 126 12.53 -5.87 -2.07
SE MSE B 126 12.23 -6.29 -5.63
CE MSE B 126 14.07 -5.89 -3.28
CE MSE B 126 13.46 -7.74 -6.18
N LEU B 127 10.49 -11.26 -4.13
CA LEU B 127 10.77 -12.68 -4.28
C LEU B 127 10.24 -13.20 -5.59
N ASN B 128 9.12 -12.68 -6.04
CA ASN B 128 8.55 -13.20 -7.25
C ASN B 128 9.25 -12.65 -8.46
N HIS B 129 9.85 -11.50 -8.28
CA HIS B 129 10.60 -10.89 -9.36
C HIS B 129 11.91 -11.66 -9.50
N SER B 130 12.59 -11.83 -8.37
CA SER B 130 13.82 -12.59 -8.26
C SER B 130 13.70 -14.00 -8.86
N GLU B 131 12.67 -14.75 -8.49
CA GLU B 131 12.53 -16.08 -9.09
C GLU B 131 12.28 -15.99 -10.60
N LYS B 132 11.56 -14.97 -11.02
CA LYS B 132 11.26 -14.80 -12.43
C LYS B 132 12.53 -14.40 -13.20
N GLU B 133 13.32 -13.49 -12.65
CA GLU B 133 14.56 -13.10 -13.29
C GLU B 133 15.48 -14.32 -13.49
N LYS B 134 15.70 -15.06 -12.40
CA LYS B 134 16.55 -16.24 -12.43
C LYS B 134 16.06 -17.28 -13.44
N ASN B 135 14.79 -17.65 -13.37
CA ASN B 135 14.33 -18.69 -14.26
C ASN B 135 14.26 -18.29 -15.72
N ASN B 136 14.09 -17.00 -15.99
CA ASN B 136 14.19 -16.55 -17.36
C ASN B 136 15.64 -16.65 -17.85
N LEU B 137 16.58 -16.23 -17.01
CA LEU B 137 18.00 -16.34 -17.28
C LEU B 137 18.41 -17.78 -17.54
N GLU B 138 18.11 -18.67 -16.61
CA GLU B 138 18.41 -20.09 -16.78
C GLU B 138 17.77 -20.65 -18.06
N ILE B 139 16.56 -20.23 -18.37
CA ILE B 139 15.89 -20.79 -19.54
C ILE B 139 16.55 -20.35 -20.83
N ASP B 140 16.90 -19.07 -20.91
CA ASP B 140 17.47 -18.48 -22.10
C ASP B 140 18.86 -19.03 -22.39
N LEU B 141 19.75 -18.95 -21.42
CA LEU B 141 21.07 -19.53 -21.54
C LEU B 141 20.99 -21.01 -21.90
N ASN B 142 20.03 -21.74 -21.35
CA ASN B 142 19.97 -23.16 -21.62
C ASN B 142 19.78 -23.40 -23.08
N TYR B 143 18.93 -22.56 -23.68
CA TYR B 143 18.58 -22.68 -25.09
C TYR B 143 19.74 -22.25 -25.99
N LYS B 144 20.33 -21.10 -25.72
CA LYS B 144 21.48 -20.62 -26.50
C LYS B 144 22.68 -21.58 -26.42
N LEU B 145 22.97 -22.10 -25.23
CA LEU B 145 24.06 -23.06 -25.08
C LEU B 145 23.79 -24.34 -25.81
N LYS B 146 22.53 -24.77 -25.86
CA LYS B 146 22.22 -26.00 -26.55
C LYS B 146 22.64 -25.88 -28.02
N SER B 147 22.09 -24.90 -28.73
CA SER B 147 22.44 -24.72 -30.14
C SER B 147 23.95 -24.59 -30.41
N LEU B 148 24.63 -23.76 -29.63
CA LEU B 148 26.08 -23.55 -29.79
C LEU B 148 26.80 -24.86 -29.59
N GLN B 149 26.33 -25.64 -28.64
CA GLN B 149 27.01 -26.88 -28.27
C GLN B 149 26.75 -27.93 -29.36
N GLN B 150 25.50 -28.03 -29.81
CA GLN B 150 25.18 -28.99 -30.84
C GLN B 150 26.01 -28.73 -32.08
N ARG B 151 25.99 -27.51 -32.57
CA ARG B 151 26.68 -27.20 -33.81
C ARG B 151 28.20 -27.44 -33.70
N LEU B 152 28.78 -27.20 -32.53
CA LEU B 152 30.20 -27.49 -32.33
C LEU B 152 30.46 -28.96 -32.42
N GLU B 153 29.48 -29.77 -32.06
CA GLU B 153 29.68 -31.20 -32.00
C GLU B 153 29.15 -31.83 -33.27
N GLN B 154 28.65 -30.99 -34.16
CA GLN B 154 28.33 -31.41 -35.52
C GLN B 154 29.67 -31.50 -36.22
N GLU B 155 30.54 -30.54 -35.94
CA GLU B 155 31.88 -30.52 -36.48
C GLU B 155 32.83 -31.48 -35.77
N VAL B 156 32.93 -31.40 -34.45
CA VAL B 156 33.80 -32.32 -33.71
C VAL B 156 33.62 -33.75 -34.21
N ASN B 157 32.42 -34.07 -34.70
CA ASN B 157 32.13 -35.40 -35.23
C ASN B 157 32.40 -35.54 -36.73
N GLU B 158 32.18 -34.47 -37.50
CA GLU B 158 32.50 -34.48 -38.94
C GLU B 158 34.01 -34.53 -39.19
N HIS B 159 34.79 -34.52 -38.12
CA HIS B 159 36.24 -34.65 -38.23
C HIS B 159 36.57 -36.10 -38.55
N LYS B 160 35.82 -37.01 -37.95
CA LYS B 160 36.05 -38.44 -38.11
C LYS B 160 35.33 -39.02 -39.34
N SER C 2 80.63 -55.01 -131.76
CA SER C 2 81.06 -53.62 -131.89
C SER C 2 79.96 -52.67 -131.50
N LEU C 3 78.72 -53.05 -131.80
CA LEU C 3 77.55 -52.25 -131.45
C LEU C 3 77.02 -52.74 -130.11
N ALA C 4 77.46 -53.93 -129.72
CA ALA C 4 77.20 -54.45 -128.38
C ALA C 4 77.99 -53.63 -127.35
N ASN C 5 79.22 -53.25 -127.72
CA ASN C 5 80.05 -52.34 -126.93
C ASN C 5 79.24 -51.17 -126.38
N GLU C 6 78.69 -50.36 -127.29
CA GLU C 6 77.88 -49.20 -126.91
C GLU C 6 76.76 -49.58 -125.95
N LYS C 7 76.09 -50.69 -126.24
CA LYS C 7 75.00 -51.15 -125.42
C LYS C 7 75.45 -51.46 -123.99
N LEU C 8 76.39 -52.40 -123.85
CA LEU C 8 76.94 -52.77 -122.54
C LEU C 8 77.49 -51.57 -121.77
N SER C 9 78.06 -50.63 -122.51
CA SER C 9 78.64 -49.44 -121.90
C SER C 9 77.52 -48.52 -121.36
N GLN C 10 76.50 -48.29 -122.17
CA GLN C 10 75.33 -47.52 -121.76
C GLN C 10 74.69 -48.15 -120.53
N LEU C 11 74.81 -49.46 -120.39
CA LEU C 11 74.28 -50.16 -119.23
C LEU C 11 75.04 -49.78 -117.94
N GLN C 12 76.37 -49.89 -117.97
CA GLN C 12 77.19 -49.58 -116.80
C GLN C 12 77.02 -48.15 -116.30
N LYS C 13 76.49 -47.27 -117.15
CA LYS C 13 76.24 -45.90 -116.77
C LYS C 13 74.92 -45.85 -116.03
N GLN C 14 73.96 -46.62 -116.51
CA GLN C 14 72.68 -46.77 -115.85
C GLN C 14 72.89 -47.41 -114.47
N LEU C 15 73.64 -48.51 -114.44
CA LEU C 15 73.99 -49.15 -113.17
C LEU C 15 74.44 -48.12 -112.14
N GLU C 16 75.37 -47.24 -112.54
CA GLU C 16 75.90 -46.25 -111.62
C GLU C 16 74.86 -45.26 -111.12
N GLU C 17 74.04 -44.73 -112.02
CA GLU C 17 73.02 -43.78 -111.61
C GLU C 17 72.18 -44.35 -110.47
N ALA C 18 71.77 -45.60 -110.63
CA ALA C 18 71.01 -46.30 -109.59
C ALA C 18 71.80 -46.50 -108.29
N ASN C 19 73.11 -46.65 -108.41
CA ASN C 19 73.94 -46.75 -107.21
C ASN C 19 73.82 -45.50 -106.39
N ASP C 20 73.64 -44.38 -107.08
CA ASP C 20 73.52 -43.09 -106.42
C ASP C 20 72.13 -42.92 -105.81
N LEU C 21 71.11 -43.33 -106.55
CA LEU C 21 69.75 -43.40 -106.02
C LEU C 21 69.70 -44.32 -104.80
N LEU C 22 70.29 -45.50 -104.90
CA LEU C 22 70.31 -46.44 -103.78
C LEU C 22 70.97 -45.82 -102.54
N ARG C 23 72.07 -45.11 -102.75
CA ARG C 23 72.77 -44.48 -101.64
C ARG C 23 71.87 -43.45 -100.95
N THR C 24 71.40 -42.48 -101.73
CA THR C 24 70.61 -41.39 -101.22
C THR C 24 69.29 -41.89 -100.65
N GLU C 25 68.78 -42.99 -101.19
CA GLU C 25 67.54 -43.57 -100.67
C GLU C 25 67.78 -44.33 -99.37
N SER C 26 68.99 -44.86 -99.20
CA SER C 26 69.31 -45.63 -98.01
C SER C 26 69.66 -44.70 -96.85
N ASP C 27 70.29 -43.57 -97.16
CA ASP C 27 70.58 -42.56 -96.14
C ASP C 27 69.25 -41.93 -95.68
N THR C 28 68.30 -41.89 -96.61
CA THR C 28 66.98 -41.34 -96.35
C THR C 28 66.17 -42.23 -95.41
N ALA C 29 66.30 -43.55 -95.56
CA ALA C 29 65.54 -44.47 -94.72
C ALA C 29 66.04 -44.46 -93.28
N VAL C 30 67.30 -44.12 -93.11
CA VAL C 30 67.89 -44.03 -91.78
C VAL C 30 67.51 -42.71 -91.10
N ARG C 31 67.40 -41.65 -91.90
CA ARG C 31 67.04 -40.34 -91.37
C ARG C 31 65.58 -40.28 -90.92
N LEU C 32 64.74 -41.09 -91.54
CA LEU C 32 63.36 -41.29 -91.10
C LEU C 32 63.33 -42.02 -89.77
N ARG C 33 64.22 -43.00 -89.60
CA ARG C 33 64.28 -43.78 -88.37
C ARG C 33 64.83 -42.90 -87.27
N LYS C 34 65.52 -41.84 -87.66
CA LYS C 34 66.00 -40.81 -86.76
C LYS C 34 64.83 -39.92 -86.33
N SER C 35 64.20 -39.29 -87.31
CA SER C 35 63.05 -38.44 -87.07
C SER C 35 62.03 -39.14 -86.16
N HIS C 36 61.72 -40.39 -86.48
CA HIS C 36 60.69 -41.14 -85.77
C HIS C 36 61.00 -41.42 -84.30
N THR C 37 62.28 -41.41 -83.92
CA THR C 37 62.62 -41.62 -82.51
C THR C 37 63.04 -40.31 -81.84
N GLU C 38 62.57 -39.20 -82.41
CA GLU C 38 62.66 -37.90 -81.76
C GLU C 38 61.23 -37.40 -81.55
N MSE C 39 60.39 -37.69 -82.53
CA MSE C 39 58.97 -37.37 -82.45
CA MSE C 39 58.98 -37.35 -82.43
C MSE C 39 58.24 -38.44 -81.65
O MSE C 39 57.05 -38.32 -81.37
CB MSE C 39 58.37 -37.21 -83.86
CB MSE C 39 58.36 -37.16 -83.81
CG MSE C 39 58.54 -35.82 -84.46
CG MSE C 39 57.74 -38.41 -84.40
SE MSE C 39 57.94 -35.59 -86.32
SE MSE C 39 56.82 -38.03 -86.08
CE MSE C 39 56.38 -36.75 -86.27
CE MSE C 39 55.78 -36.48 -85.49
N SER C 40 58.96 -39.50 -81.30
CA SER C 40 58.42 -40.58 -80.49
C SER C 40 58.65 -40.25 -79.01
N LYS C 41 59.63 -39.37 -78.79
CA LYS C 41 59.95 -38.90 -77.47
C LYS C 41 59.38 -37.49 -77.28
N SER C 42 59.30 -36.75 -78.37
CA SER C 42 58.65 -35.43 -78.38
C SER C 42 57.15 -35.60 -78.12
N ILE C 43 56.62 -36.75 -78.55
CA ILE C 43 55.22 -37.10 -78.34
C ILE C 43 54.95 -37.62 -76.93
N SER C 44 55.92 -38.31 -76.33
CA SER C 44 55.77 -38.70 -74.93
C SER C 44 55.97 -37.46 -74.05
N GLN C 45 56.61 -36.44 -74.63
CA GLN C 45 56.83 -35.14 -74.01
C GLN C 45 55.57 -34.26 -74.00
N LEU C 46 54.83 -34.29 -75.11
CA LEU C 46 53.57 -33.56 -75.21
C LEU C 46 52.49 -34.30 -74.43
N GLU C 47 52.60 -35.63 -74.38
CA GLU C 47 51.72 -36.43 -73.54
C GLU C 47 51.97 -36.11 -72.07
N SER C 48 53.06 -35.40 -71.79
CA SER C 48 53.39 -34.98 -70.42
C SER C 48 52.66 -33.69 -70.04
N LEU C 49 52.93 -32.61 -70.77
CA LEU C 49 52.20 -31.34 -70.61
C LEU C 49 50.70 -31.59 -70.42
N ASN C 50 50.18 -32.60 -71.11
CA ASN C 50 48.75 -32.87 -71.08
C ASN C 50 48.35 -33.86 -70.00
N ARG C 51 49.21 -34.00 -69.01
CA ARG C 51 49.00 -34.91 -67.90
C ARG C 51 49.32 -34.05 -66.66
N GLU C 52 50.26 -33.13 -66.88
CA GLU C 52 50.61 -32.10 -65.91
C GLU C 52 49.54 -31.00 -65.87
N LEU C 53 48.83 -30.82 -66.98
CA LEU C 53 47.71 -29.88 -67.04
C LEU C 53 46.43 -30.50 -66.46
N GLN C 54 46.33 -31.82 -66.55
CA GLN C 54 45.20 -32.55 -65.97
C GLN C 54 45.35 -32.52 -64.48
N GLU C 55 46.58 -32.28 -64.04
CA GLU C 55 46.90 -32.20 -62.63
C GLU C 55 46.65 -30.79 -62.11
N ARG C 56 47.30 -29.81 -62.74
CA ARG C 56 47.15 -28.42 -62.33
C ARG C 56 45.68 -27.99 -62.34
N ASN C 57 44.86 -28.68 -63.14
CA ASN C 57 43.42 -28.41 -63.23
C ASN C 57 42.64 -29.11 -62.12
N ARG C 58 43.11 -30.28 -61.71
CA ARG C 58 42.49 -31.02 -60.63
C ARG C 58 42.59 -30.16 -59.37
N ILE C 59 43.82 -29.71 -59.10
CA ILE C 59 44.11 -28.88 -57.95
C ILE C 59 43.27 -27.61 -57.93
N LEU C 60 43.17 -26.95 -59.09
CA LEU C 60 42.44 -25.69 -59.18
C LEU C 60 40.93 -25.88 -59.04
N GLU C 61 40.39 -26.99 -59.52
CA GLU C 61 38.96 -27.25 -59.38
C GLU C 61 38.54 -27.43 -57.92
N ASN C 62 39.42 -28.01 -57.11
CA ASN C 62 39.15 -28.15 -55.68
C ASN C 62 39.27 -26.80 -55.00
N SER C 63 40.47 -26.23 -55.07
CA SER C 63 40.74 -24.90 -54.56
C SER C 63 39.57 -23.92 -54.73
N LYS C 64 39.09 -23.76 -55.96
CA LYS C 64 37.98 -22.87 -56.23
C LYS C 64 36.72 -23.27 -55.47
N SER C 65 36.43 -24.56 -55.42
CA SER C 65 35.23 -25.07 -54.73
C SER C 65 35.26 -24.80 -53.22
N GLN C 66 36.46 -24.90 -52.64
CA GLN C 66 36.65 -24.70 -51.21
C GLN C 66 36.67 -23.22 -50.87
N THR C 67 37.41 -22.43 -51.65
CA THR C 67 37.43 -20.98 -51.49
C THR C 67 36.00 -20.39 -51.49
N ASP C 68 35.14 -20.98 -52.31
CA ASP C 68 33.74 -20.57 -52.40
C ASP C 68 32.99 -21.00 -51.16
N LYS C 69 33.23 -22.21 -50.67
CA LYS C 69 32.57 -22.68 -49.48
C LYS C 69 32.87 -21.74 -48.31
N ASP C 70 34.16 -21.46 -48.13
CA ASP C 70 34.64 -20.58 -47.08
C ASP C 70 34.06 -19.18 -47.23
N TYR C 71 33.83 -18.76 -48.47
CA TYR C 71 33.23 -17.44 -48.66
C TYR C 71 31.77 -17.41 -48.22
N TYR C 72 30.95 -18.29 -48.79
CA TYR C 72 29.53 -18.27 -48.48
C TYR C 72 29.30 -18.53 -47.01
N GLN C 73 30.14 -19.37 -46.41
CA GLN C 73 29.98 -19.66 -45.00
C GLN C 73 30.17 -18.38 -44.16
N LEU C 74 31.20 -17.59 -44.47
CA LEU C 74 31.44 -16.33 -43.77
C LEU C 74 30.28 -15.38 -44.00
N GLN C 75 29.78 -15.35 -45.22
CA GLN C 75 28.68 -14.47 -45.59
C GLN C 75 27.43 -14.87 -44.83
N ALA C 76 27.24 -16.17 -44.64
CA ALA C 76 26.13 -16.64 -43.83
C ALA C 76 26.26 -16.05 -42.44
N ILE C 77 27.48 -16.08 -41.88
CA ILE C 77 27.74 -15.53 -40.55
C ILE C 77 27.42 -14.03 -40.48
N LEU C 78 27.77 -13.28 -41.51
CA LEU C 78 27.44 -11.86 -41.54
C LEU C 78 25.93 -11.69 -41.45
N GLU C 79 25.20 -12.45 -42.26
CA GLU C 79 23.75 -12.33 -42.30
C GLU C 79 23.17 -12.58 -40.92
N ALA C 80 23.57 -13.66 -40.28
CA ALA C 80 23.08 -13.99 -38.95
C ALA C 80 23.40 -12.87 -37.96
N GLU C 81 24.63 -12.36 -37.96
CA GLU C 81 24.94 -11.24 -37.05
C GLU C 81 24.08 -10.00 -37.35
N ARG C 82 23.65 -9.85 -38.60
CA ARG C 82 22.80 -8.71 -38.95
C ARG C 82 21.37 -8.82 -38.44
N ARG C 83 20.81 -10.03 -38.54
CA ARG C 83 19.50 -10.33 -38.03
C ARG C 83 19.50 -10.07 -36.53
N ASP C 84 20.55 -10.51 -35.85
CA ASP C 84 20.70 -10.17 -34.45
C ASP C 84 20.80 -8.68 -34.21
N ARG C 85 21.79 -8.01 -34.81
CA ARG C 85 21.89 -6.59 -34.50
C ARG C 85 20.52 -5.88 -34.62
N GLY C 86 19.66 -6.38 -35.51
CA GLY C 86 18.31 -5.88 -35.66
C GLY C 86 17.54 -5.94 -34.34
N HIS C 87 17.59 -7.08 -33.65
CA HIS C 87 16.90 -7.25 -32.38
C HIS C 87 17.45 -6.42 -31.21
N ASP C 88 18.77 -6.24 -31.18
CA ASP C 88 19.37 -5.36 -30.18
C ASP C 88 18.77 -3.97 -30.30
N SER C 89 18.47 -3.59 -31.53
CA SER C 89 17.97 -2.26 -31.79
C SER C 89 16.51 -2.17 -31.35
N GLU C 90 15.80 -3.30 -31.43
CA GLU C 90 14.43 -3.35 -30.92
C GLU C 90 14.42 -3.36 -29.38
N MSE C 91 15.36 -4.06 -28.74
CA MSE C 91 15.48 -4.03 -27.30
CA MSE C 91 15.45 -4.02 -27.29
CA MSE C 91 15.46 -4.03 -27.29
C MSE C 91 15.72 -2.59 -26.85
O MSE C 91 15.03 -2.05 -25.99
CB MSE C 91 16.62 -4.94 -26.81
CB MSE C 91 16.54 -4.96 -26.77
CB MSE C 91 16.54 -4.99 -26.77
CG MSE C 91 16.59 -6.36 -27.43
CG MSE C 91 16.32 -5.42 -25.36
CG MSE C 91 16.81 -4.94 -25.27
SE MSE C 91 18.08 -7.53 -26.88
SE MSE C 91 17.99 -5.88 -24.48
SE MSE C 91 15.52 -5.85 -24.08
CE MSE C 91 17.68 -7.52 -24.99
CE MSE C 91 17.28 -6.51 -22.76
CE MSE C 91 15.55 -7.62 -24.90
N ILE C 92 16.71 -1.94 -27.45
CA ILE C 92 16.98 -0.55 -27.10
C ILE C 92 15.70 0.30 -27.19
N GLY C 93 14.91 0.11 -28.24
CA GLY C 93 13.65 0.82 -28.39
C GLY C 93 12.72 0.52 -27.21
N ASP C 94 12.56 -0.74 -26.88
CA ASP C 94 11.61 -1.15 -25.86
C ASP C 94 12.00 -0.54 -24.51
N LEU C 95 13.28 -0.61 -24.17
CA LEU C 95 13.80 0.02 -22.97
C LEU C 95 13.49 1.52 -22.94
N GLN C 96 13.61 2.17 -24.08
CA GLN C 96 13.34 3.61 -24.09
C GLN C 96 11.86 3.88 -23.91
N ALA C 97 11.04 2.97 -24.42
CA ALA C 97 9.61 3.15 -24.33
C ALA C 97 9.19 2.92 -22.88
N ARG C 98 9.99 2.14 -22.15
CA ARG C 98 9.75 1.86 -20.74
C ARG C 98 10.14 3.06 -19.92
N ILE C 99 11.30 3.62 -20.21
CA ILE C 99 11.71 4.84 -19.55
C ILE C 99 10.62 5.89 -19.70
N THR C 100 10.21 6.15 -20.94
CA THR C 100 9.23 7.20 -21.22
C THR C 100 7.97 7.01 -20.36
N SER C 101 7.53 5.78 -20.30
CA SER C 101 6.32 5.39 -19.60
C SER C 101 6.51 5.63 -18.09
N LEU C 102 7.65 5.19 -17.58
CA LEU C 102 8.00 5.40 -16.18
C LEU C 102 8.05 6.88 -15.84
N GLN C 103 8.62 7.68 -16.72
CA GLN C 103 8.75 9.10 -16.45
C GLN C 103 7.37 9.76 -16.32
N GLU C 104 6.40 9.27 -17.08
CA GLU C 104 5.04 9.75 -16.98
C GLU C 104 4.45 9.35 -15.64
N GLU C 105 4.78 8.14 -15.18
CA GLU C 105 4.22 7.72 -13.91
C GLU C 105 4.77 8.57 -12.78
N VAL C 106 6.06 8.89 -12.85
CA VAL C 106 6.66 9.78 -11.85
C VAL C 106 5.96 11.15 -11.80
N LYS C 107 5.92 11.84 -12.94
CA LYS C 107 5.17 13.08 -13.11
C LYS C 107 3.77 13.03 -12.45
N HIS C 108 3.03 11.96 -12.72
CA HIS C 108 1.66 11.84 -12.24
C HIS C 108 1.67 11.75 -10.72
N LEU C 109 2.32 10.73 -10.19
CA LEU C 109 2.53 10.58 -8.77
C LEU C 109 2.98 11.87 -8.08
N LYS C 110 4.04 12.51 -8.56
CA LYS C 110 4.52 13.71 -7.89
C LYS C 110 3.44 14.80 -7.80
N HIS C 111 2.68 14.97 -8.89
CA HIS C 111 1.57 15.90 -8.90
C HIS C 111 0.54 15.51 -7.82
N ASN C 112 0.24 14.22 -7.72
CA ASN C 112 -0.62 13.72 -6.67
C ASN C 112 -0.07 13.94 -5.27
N LEU C 113 1.19 13.61 -5.06
CA LEU C 113 1.82 13.82 -3.79
C LEU C 113 1.67 15.28 -3.40
N GLU C 114 2.09 16.19 -4.27
CA GLU C 114 1.95 17.61 -3.97
C GLU C 114 0.52 17.95 -3.55
N LYS C 115 -0.45 17.38 -4.26
CA LYS C 115 -1.85 17.62 -3.98
C LYS C 115 -2.23 17.14 -2.59
N VAL C 116 -1.90 15.90 -2.27
CA VAL C 116 -2.26 15.39 -0.96
C VAL C 116 -1.40 15.92 0.19
N GLU C 117 -0.24 16.49 -0.13
CA GLU C 117 0.55 17.17 0.89
C GLU C 117 -0.15 18.46 1.26
N GLY C 118 -0.77 19.07 0.25
CA GLY C 118 -1.52 20.29 0.45
C GLY C 118 -2.70 20.01 1.35
N GLU C 119 -3.46 18.98 1.03
CA GLU C 119 -4.64 18.63 1.80
C GLU C 119 -4.32 18.19 3.24
N ARG C 120 -3.15 17.60 3.45
CA ARG C 120 -2.72 17.26 4.80
C ARG C 120 -2.39 18.56 5.52
N LYS C 121 -1.58 19.40 4.87
CA LYS C 121 -1.19 20.68 5.46
C LYS C 121 -2.43 21.44 5.93
N GLU C 122 -3.40 21.62 5.03
CA GLU C 122 -4.62 22.34 5.35
C GLU C 122 -5.38 21.68 6.49
N ALA C 123 -5.37 20.35 6.54
CA ALA C 123 -6.10 19.67 7.59
C ALA C 123 -5.45 19.80 8.98
N GLN C 124 -4.12 19.74 9.07
CA GLN C 124 -3.48 19.99 10.36
C GLN C 124 -3.72 21.45 10.76
N ASP C 125 -3.74 22.34 9.76
CA ASP C 125 -3.99 23.76 10.02
C ASP C 125 -5.39 23.98 10.62
N MSE C 126 -6.41 23.32 10.05
CA MSE C 126 -7.78 23.44 10.55
CA MSE C 126 -7.75 23.48 10.59
C MSE C 126 -7.92 22.76 11.92
O MSE C 126 -8.77 23.12 12.73
CB MSE C 126 -8.78 22.82 9.56
CB MSE C 126 -8.81 23.04 9.59
CG MSE C 126 -9.02 23.65 8.28
CG MSE C 126 -9.79 24.15 9.25
SE MSE C 126 -10.42 22.99 7.06
SE MSE C 126 -8.89 25.89 9.06
CE MSE C 126 -11.89 22.84 8.34
CE MSE C 126 -7.51 25.41 7.79
N LEU C 127 -7.07 21.76 12.15
CA LEU C 127 -7.06 21.03 13.41
C LEU C 127 -6.50 21.93 14.48
N ASN C 128 -5.28 22.42 14.23
CA ASN C 128 -4.59 23.31 15.14
C ASN C 128 -5.44 24.50 15.57
N HIS C 129 -6.10 25.13 14.62
CA HIS C 129 -7.03 26.21 14.91
C HIS C 129 -8.11 25.69 15.85
N SER C 130 -8.77 24.60 15.48
CA SER C 130 -9.86 24.09 16.28
C SER C 130 -9.45 23.76 17.74
N GLU C 131 -8.28 23.16 17.91
CA GLU C 131 -7.78 22.88 19.26
C GLU C 131 -7.46 24.16 20.03
N LYS C 132 -6.82 25.11 19.36
CA LYS C 132 -6.52 26.41 19.96
C LYS C 132 -7.80 27.15 20.36
N GLU C 133 -8.78 27.16 19.47
CA GLU C 133 -10.04 27.84 19.71
C GLU C 133 -10.80 27.17 20.85
N LYS C 134 -10.65 25.85 20.96
CA LYS C 134 -11.31 25.08 22.00
C LYS C 134 -10.56 25.32 23.30
N ASN C 135 -9.24 25.44 23.19
CA ASN C 135 -8.38 25.72 24.34
C ASN C 135 -8.78 27.06 24.97
N ASN C 136 -8.97 28.05 24.12
CA ASN C 136 -9.37 29.36 24.58
C ASN C 136 -10.70 29.28 25.28
N LEU C 137 -11.63 28.51 24.71
CA LEU C 137 -12.96 28.39 25.28
C LEU C 137 -12.85 27.72 26.66
N GLU C 138 -12.07 26.66 26.74
CA GLU C 138 -11.86 25.95 28.00
C GLU C 138 -11.30 26.86 29.08
N ILE C 139 -10.36 27.71 28.70
CA ILE C 139 -9.65 28.53 29.67
C ILE C 139 -10.56 29.60 30.27
N ASP C 140 -11.34 30.22 29.39
CA ASP C 140 -12.27 31.28 29.73
C ASP C 140 -13.35 30.69 30.61
N LEU C 141 -13.94 29.58 30.18
CA LEU C 141 -15.02 28.96 30.93
C LEU C 141 -14.58 28.55 32.32
N ASN C 142 -13.39 27.95 32.42
CA ASN C 142 -12.86 27.54 33.70
C ASN C 142 -12.87 28.72 34.68
N TYR C 143 -12.31 29.83 34.21
CA TYR C 143 -12.09 31.00 35.04
C TYR C 143 -13.40 31.62 35.49
N LYS C 144 -14.32 31.77 34.54
CA LYS C 144 -15.64 32.29 34.79
C LYS C 144 -16.47 31.40 35.72
N LEU C 145 -16.44 30.09 35.50
CA LEU C 145 -17.21 29.20 36.37
C LEU C 145 -16.67 29.31 37.79
N LYS C 146 -15.36 29.22 37.91
CA LYS C 146 -14.66 29.42 39.17
C LYS C 146 -15.06 30.76 39.82
N SER C 147 -15.23 31.81 39.02
CA SER C 147 -15.63 33.10 39.57
C SER C 147 -17.03 32.97 40.16
N LEU C 148 -17.90 32.27 39.46
CA LEU C 148 -19.22 31.97 40.00
C LEU C 148 -19.09 31.25 41.35
N GLN C 149 -18.23 30.25 41.44
CA GLN C 149 -18.10 29.52 42.71
C GLN C 149 -17.50 30.36 43.82
N GLN C 150 -16.54 31.22 43.50
CA GLN C 150 -15.94 32.07 44.52
C GLN C 150 -16.97 33.00 45.13
N ARG C 151 -17.80 33.61 44.29
CA ARG C 151 -18.85 34.51 44.78
C ARG C 151 -19.77 33.73 45.73
N LEU C 152 -20.17 32.53 45.35
CA LEU C 152 -21.07 31.74 46.21
C LEU C 152 -20.38 31.49 47.52
N GLU C 153 -19.12 31.08 47.44
CA GLU C 153 -18.34 30.69 48.60
C GLU C 153 -18.18 31.86 49.56
N GLN C 154 -18.09 33.08 49.01
CA GLN C 154 -17.86 34.26 49.85
C GLN C 154 -19.11 34.66 50.60
N GLU C 155 -20.26 34.20 50.14
CA GLU C 155 -21.49 34.47 50.84
C GLU C 155 -21.63 33.42 51.93
N VAL C 156 -21.47 32.16 51.57
CA VAL C 156 -21.46 31.08 52.57
C VAL C 156 -20.59 31.43 53.76
N ASN C 157 -19.43 32.00 53.47
CA ASN C 157 -18.41 32.19 54.49
C ASN C 157 -18.52 33.47 55.30
N GLU C 158 -19.39 34.36 54.84
CA GLU C 158 -19.60 35.64 55.46
C GLU C 158 -20.21 35.49 56.86
N HIS C 159 -20.74 34.31 57.17
CA HIS C 159 -21.53 34.12 58.41
C HIS C 159 -21.25 32.77 59.08
N LYS C 160 -20.50 32.75 60.17
CA LYS C 160 -20.17 31.46 60.82
C LYS C 160 -20.02 31.52 62.34
N SER D 2 75.62 -69.62 -125.44
CA SER D 2 74.83 -70.38 -124.47
C SER D 2 75.26 -70.21 -123.02
N LEU D 3 76.44 -69.63 -122.78
CA LEU D 3 76.79 -69.14 -121.44
C LEU D 3 76.39 -67.67 -121.40
N ALA D 4 76.46 -67.05 -122.57
CA ALA D 4 75.97 -65.68 -122.77
C ALA D 4 74.47 -65.69 -123.00
N ASN D 5 73.84 -66.86 -122.88
CA ASN D 5 72.39 -66.94 -122.95
C ASN D 5 71.74 -67.11 -121.56
N GLU D 6 72.52 -67.61 -120.62
CA GLU D 6 72.10 -67.69 -119.22
C GLU D 6 72.29 -66.33 -118.56
N LYS D 7 73.40 -65.68 -118.86
CA LYS D 7 73.72 -64.37 -118.29
C LYS D 7 72.68 -63.32 -118.68
N LEU D 8 71.93 -63.62 -119.73
CA LEU D 8 70.88 -62.73 -120.21
C LEU D 8 69.56 -63.09 -119.58
N SER D 9 69.35 -64.37 -119.33
CA SER D 9 68.14 -64.86 -118.67
C SER D 9 68.11 -64.47 -117.20
N GLN D 10 69.28 -64.55 -116.57
CA GLN D 10 69.46 -64.24 -115.16
C GLN D 10 69.44 -62.73 -114.90
N LEU D 11 69.89 -61.94 -115.86
CA LEU D 11 69.77 -60.48 -115.76
C LEU D 11 68.31 -60.07 -115.94
N GLN D 12 67.53 -60.93 -116.58
CA GLN D 12 66.10 -60.69 -116.73
C GLN D 12 65.36 -61.05 -115.44
N LYS D 13 65.79 -62.12 -114.79
CA LYS D 13 65.16 -62.51 -113.53
C LYS D 13 65.54 -61.54 -112.42
N GLN D 14 66.78 -61.09 -112.43
CA GLN D 14 67.22 -60.07 -111.49
C GLN D 14 66.51 -58.73 -111.78
N LEU D 15 66.14 -58.52 -113.04
CA LEU D 15 65.43 -57.29 -113.41
C LEU D 15 63.99 -57.39 -112.89
N GLU D 16 63.45 -58.59 -112.88
CA GLU D 16 62.10 -58.83 -112.42
C GLU D 16 61.98 -58.70 -110.89
N GLU D 17 62.91 -59.32 -110.17
CA GLU D 17 62.89 -59.25 -108.71
C GLU D 17 63.10 -57.83 -108.19
N ALA D 18 63.89 -57.03 -108.90
CA ALA D 18 64.05 -55.64 -108.52
C ALA D 18 62.80 -54.84 -108.88
N ASN D 19 61.93 -55.41 -109.70
CA ASN D 19 60.68 -54.72 -109.99
C ASN D 19 59.73 -54.78 -108.80
N ASP D 20 59.63 -55.96 -108.18
CA ASP D 20 58.74 -56.14 -107.03
C ASP D 20 59.12 -55.14 -105.94
N LEU D 21 60.40 -55.15 -105.58
CA LEU D 21 60.96 -54.16 -104.67
C LEU D 21 60.54 -52.73 -105.00
N LEU D 22 60.78 -52.27 -106.22
CA LEU D 22 60.40 -50.91 -106.59
C LEU D 22 58.90 -50.61 -106.40
N ARG D 23 58.08 -51.66 -106.32
CA ARG D 23 56.66 -51.49 -106.04
C ARG D 23 56.41 -51.44 -104.54
N THR D 24 57.06 -52.36 -103.83
CA THR D 24 56.96 -52.44 -102.37
C THR D 24 57.38 -51.15 -101.67
N GLU D 25 58.37 -50.47 -102.23
CA GLU D 25 58.92 -49.27 -101.60
C GLU D 25 58.33 -47.98 -102.17
N SER D 26 57.54 -48.10 -103.23
CA SER D 26 56.77 -46.96 -103.70
C SER D 26 55.46 -47.00 -102.93
N ASP D 27 55.09 -48.20 -102.53
CA ASP D 27 53.89 -48.42 -101.74
C ASP D 27 54.14 -47.90 -100.34
N THR D 28 55.33 -48.14 -99.82
CA THR D 28 55.65 -47.73 -98.46
C THR D 28 55.97 -46.22 -98.38
N ALA D 29 56.22 -45.57 -99.51
CA ALA D 29 56.34 -44.11 -99.51
C ALA D 29 54.97 -43.46 -99.36
N VAL D 30 53.95 -44.21 -99.77
CA VAL D 30 52.59 -43.70 -99.70
C VAL D 30 51.86 -44.14 -98.42
N ARG D 31 52.34 -45.20 -97.77
CA ARG D 31 51.83 -45.59 -96.47
C ARG D 31 52.36 -44.62 -95.40
N LEU D 32 53.50 -44.00 -95.72
CA LEU D 32 54.15 -43.02 -94.86
C LEU D 32 53.52 -41.65 -95.00
N ARG D 33 53.32 -41.19 -96.22
CA ARG D 33 52.68 -39.90 -96.44
C ARG D 33 51.29 -39.89 -95.81
N LYS D 34 50.72 -41.08 -95.65
CA LYS D 34 49.39 -41.21 -95.07
C LYS D 34 49.45 -41.32 -93.54
N SER D 35 50.62 -41.64 -93.01
CA SER D 35 50.84 -41.53 -91.58
C SER D 35 51.17 -40.10 -91.22
N HIS D 36 52.25 -39.58 -91.80
CA HIS D 36 52.69 -38.22 -91.50
C HIS D 36 51.57 -37.18 -91.55
N THR D 37 50.59 -37.37 -92.43
CA THR D 37 49.49 -36.40 -92.51
C THR D 37 48.35 -36.70 -91.50
N GLU D 38 48.16 -37.96 -91.13
CA GLU D 38 47.15 -38.28 -90.13
C GLU D 38 47.71 -38.17 -88.69
N MSE D 39 49.03 -38.09 -88.59
CA MSE D 39 49.63 -37.84 -87.29
CA MSE D 39 49.72 -37.86 -87.32
C MSE D 39 49.76 -36.35 -87.04
O MSE D 39 49.87 -35.91 -85.90
CB MSE D 39 50.98 -38.57 -87.11
CB MSE D 39 51.14 -38.45 -87.42
CG MSE D 39 50.86 -40.08 -86.86
CG MSE D 39 52.07 -38.19 -86.24
SE MSE D 39 52.44 -40.94 -86.07
SE MSE D 39 53.76 -39.21 -86.37
CE MSE D 39 52.23 -40.30 -84.24
CE MSE D 39 54.27 -38.73 -88.20
N SER D 40 49.71 -35.56 -88.11
CA SER D 40 49.77 -34.10 -88.01
C SER D 40 48.43 -33.49 -87.65
N LYS D 41 47.41 -34.33 -87.52
CA LYS D 41 46.11 -33.88 -87.05
C LYS D 41 45.88 -34.40 -85.62
N SER D 42 46.35 -35.62 -85.37
CA SER D 42 46.25 -36.19 -84.03
C SER D 42 47.06 -35.32 -83.09
N ILE D 43 48.24 -34.92 -83.56
CA ILE D 43 49.09 -33.98 -82.83
C ILE D 43 48.47 -32.57 -82.79
N SER D 44 47.73 -32.19 -83.81
CA SER D 44 47.11 -30.87 -83.88
C SER D 44 45.99 -30.70 -82.84
N GLN D 45 45.34 -31.82 -82.50
CA GLN D 45 44.29 -31.84 -81.49
C GLN D 45 44.87 -31.72 -80.08
N LEU D 46 45.84 -32.57 -79.76
CA LEU D 46 46.49 -32.55 -78.46
C LEU D 46 47.22 -31.23 -78.21
N GLU D 47 47.61 -30.53 -79.27
CA GLU D 47 48.15 -29.19 -79.09
C GLU D 47 47.02 -28.22 -78.78
N SER D 48 45.79 -28.68 -78.99
CA SER D 48 44.61 -27.84 -78.79
C SER D 48 43.88 -28.14 -77.47
N LEU D 49 43.96 -29.40 -77.00
CA LEU D 49 43.54 -29.71 -75.64
C LEU D 49 44.44 -28.94 -74.68
N ASN D 50 45.73 -28.90 -74.98
CA ASN D 50 46.66 -28.11 -74.18
C ASN D 50 46.21 -26.68 -73.98
N ARG D 51 46.08 -25.93 -75.07
CA ARG D 51 45.74 -24.52 -74.97
C ARG D 51 44.36 -24.26 -74.33
N GLU D 52 43.53 -25.30 -74.26
CA GLU D 52 42.22 -25.21 -73.59
C GLU D 52 42.38 -25.38 -72.09
N LEU D 53 43.19 -26.35 -71.69
CA LEU D 53 43.52 -26.49 -70.28
C LEU D 53 44.30 -25.27 -69.80
N GLN D 54 45.32 -24.86 -70.57
CA GLN D 54 46.05 -23.66 -70.22
C GLN D 54 45.13 -22.44 -70.10
N GLU D 55 43.89 -22.59 -70.57
CA GLU D 55 42.90 -21.53 -70.46
C GLU D 55 41.92 -21.75 -69.32
N ARG D 56 41.31 -22.94 -69.28
CA ARG D 56 40.42 -23.30 -68.20
C ARG D 56 41.11 -23.16 -66.84
N ASN D 57 42.44 -23.18 -66.87
CA ASN D 57 43.26 -23.03 -65.66
C ASN D 57 43.58 -21.58 -65.33
N ARG D 58 43.98 -20.80 -66.33
CA ARG D 58 44.18 -19.38 -66.13
C ARG D 58 42.88 -18.78 -65.59
N ILE D 59 41.76 -19.34 -66.01
CA ILE D 59 40.45 -18.91 -65.53
C ILE D 59 40.30 -19.22 -64.04
N LEU D 60 40.54 -20.47 -63.68
CA LEU D 60 40.38 -20.90 -62.29
C LEU D 60 41.29 -20.13 -61.33
N GLU D 61 42.52 -19.85 -61.77
CA GLU D 61 43.45 -19.12 -60.91
C GLU D 61 43.05 -17.66 -60.70
N ASN D 62 42.35 -17.08 -61.67
CA ASN D 62 41.83 -15.74 -61.51
C ASN D 62 40.50 -15.71 -60.75
N SER D 63 39.86 -16.86 -60.68
CA SER D 63 38.53 -16.97 -60.11
C SER D 63 38.64 -17.25 -58.60
N LYS D 64 39.56 -18.12 -58.22
CA LYS D 64 39.85 -18.29 -56.81
C LYS D 64 40.45 -16.99 -56.28
N SER D 65 41.41 -16.43 -57.01
CA SER D 65 42.11 -15.22 -56.56
C SER D 65 41.15 -14.08 -56.28
N GLN D 66 40.08 -14.03 -57.06
CA GLN D 66 39.06 -13.01 -56.90
C GLN D 66 38.32 -13.24 -55.59
N THR D 67 37.87 -14.47 -55.40
CA THR D 67 37.11 -14.82 -54.21
C THR D 67 37.92 -14.49 -52.94
N ASP D 68 39.23 -14.71 -52.99
CA ASP D 68 40.10 -14.38 -51.87
C ASP D 68 40.06 -12.91 -51.50
N LYS D 69 39.99 -12.02 -52.49
CA LYS D 69 39.88 -10.60 -52.19
C LYS D 69 38.50 -10.31 -51.63
N ASP D 70 37.48 -10.95 -52.23
CA ASP D 70 36.10 -10.81 -51.77
C ASP D 70 35.95 -11.21 -50.31
N TYR D 71 36.63 -12.30 -49.96
CA TYR D 71 36.62 -12.81 -48.61
C TYR D 71 37.18 -11.79 -47.65
N TYR D 72 38.40 -11.33 -47.89
CA TYR D 72 38.96 -10.37 -46.94
C TYR D 72 38.18 -9.06 -46.91
N GLN D 73 37.63 -8.66 -48.05
CA GLN D 73 36.70 -7.55 -48.14
C GLN D 73 35.48 -7.78 -47.22
N LEU D 74 34.86 -8.95 -47.36
CA LEU D 74 33.69 -9.34 -46.58
C LEU D 74 34.02 -9.35 -45.09
N GLN D 75 35.19 -9.87 -44.74
CA GLN D 75 35.60 -9.87 -43.35
C GLN D 75 35.82 -8.46 -42.81
N ALA D 76 36.24 -7.53 -43.66
CA ALA D 76 36.42 -6.16 -43.19
C ALA D 76 35.06 -5.51 -42.85
N ILE D 77 34.02 -5.94 -43.56
CA ILE D 77 32.68 -5.44 -43.30
C ILE D 77 32.14 -5.99 -41.98
N LEU D 78 32.26 -7.31 -41.82
CA LEU D 78 32.00 -8.00 -40.56
C LEU D 78 32.62 -7.26 -39.36
N GLU D 79 33.89 -6.88 -39.46
CA GLU D 79 34.53 -6.18 -38.34
C GLU D 79 33.94 -4.79 -38.16
N ALA D 80 33.77 -4.06 -39.26
CA ALA D 80 33.30 -2.67 -39.19
C ALA D 80 31.86 -2.56 -38.73
N GLU D 81 31.05 -3.57 -39.01
CA GLU D 81 29.67 -3.55 -38.52
C GLU D 81 29.61 -4.00 -37.06
N ARG D 82 30.58 -4.76 -36.61
CA ARG D 82 30.65 -5.11 -35.19
C ARG D 82 31.13 -3.90 -34.38
N ARG D 83 32.15 -3.22 -34.88
CA ARG D 83 32.60 -1.99 -34.24
C ARG D 83 31.52 -0.93 -34.21
N ASP D 84 30.73 -0.81 -35.29
CA ASP D 84 29.63 0.16 -35.35
C ASP D 84 28.71 -0.02 -34.16
N ARG D 85 28.42 -1.29 -33.86
CA ARG D 85 27.41 -1.63 -32.86
C ARG D 85 28.08 -2.21 -31.63
N GLY D 86 29.25 -1.67 -31.30
CA GLY D 86 29.99 -2.13 -30.15
C GLY D 86 29.34 -1.55 -28.91
N HIS D 87 28.76 -0.38 -29.08
CA HIS D 87 28.28 0.42 -27.95
C HIS D 87 26.81 0.16 -27.62
N ASP D 88 26.23 -0.82 -28.29
CA ASP D 88 24.86 -1.23 -28.06
C ASP D 88 24.72 -1.89 -26.70
N SER D 89 25.67 -2.74 -26.35
CA SER D 89 25.62 -3.41 -25.05
C SER D 89 25.68 -2.39 -23.89
N GLU D 90 26.54 -1.39 -24.07
CA GLU D 90 26.68 -0.33 -23.07
C GLU D 90 25.40 0.47 -22.95
N MSE D 91 24.89 0.96 -24.09
CA MSE D 91 23.64 1.68 -24.10
CA MSE D 91 23.63 1.68 -24.14
C MSE D 91 22.57 0.94 -23.31
O MSE D 91 21.98 1.51 -22.39
CB MSE D 91 23.15 1.87 -25.54
CB MSE D 91 23.16 1.79 -25.60
CG MSE D 91 21.72 2.37 -25.60
CG MSE D 91 22.87 3.20 -26.11
SE MSE D 91 21.59 4.19 -24.95
SE MSE D 91 22.17 3.28 -27.96
CE MSE D 91 21.28 5.04 -26.68
CE MSE D 91 23.76 2.71 -28.97
N ILE D 92 22.34 -0.31 -23.66
CA ILE D 92 21.33 -1.12 -22.99
C ILE D 92 21.53 -1.05 -21.48
N GLY D 93 22.76 -1.28 -21.02
CA GLY D 93 23.07 -1.13 -19.62
C GLY D 93 22.65 0.18 -18.99
N ASP D 94 23.00 1.32 -19.61
CA ASP D 94 22.64 2.63 -19.05
C ASP D 94 21.12 2.85 -19.05
N LEU D 95 20.42 2.26 -20.01
CA LEU D 95 18.98 2.40 -20.07
C LEU D 95 18.39 1.58 -18.94
N GLN D 96 18.96 0.40 -18.69
CA GLN D 96 18.46 -0.40 -17.59
C GLN D 96 18.65 0.28 -16.26
N ALA D 97 19.76 0.99 -16.13
CA ALA D 97 20.04 1.69 -14.89
C ALA D 97 19.06 2.85 -14.74
N ARG D 98 18.80 3.57 -15.84
CA ARG D 98 17.87 4.68 -15.78
CA ARG D 98 17.86 4.68 -15.77
C ARG D 98 16.49 4.15 -15.36
N ILE D 99 16.19 2.92 -15.76
CA ILE D 99 14.93 2.26 -15.45
C ILE D 99 14.87 1.83 -14.00
N THR D 100 15.93 1.17 -13.53
CA THR D 100 15.93 0.76 -12.12
C THR D 100 15.75 1.98 -11.24
N SER D 101 16.49 3.02 -11.55
CA SER D 101 16.38 4.29 -10.86
C SER D 101 14.92 4.75 -10.78
N LEU D 102 14.25 4.83 -11.92
CA LEU D 102 12.86 5.29 -11.93
C LEU D 102 11.89 4.35 -11.22
N GLN D 103 12.09 3.04 -11.33
CA GLN D 103 11.21 2.12 -10.62
C GLN D 103 11.33 2.42 -9.12
N GLU D 104 12.54 2.76 -8.68
CA GLU D 104 12.74 3.12 -7.29
C GLU D 104 11.96 4.37 -6.95
N GLU D 105 12.14 5.41 -7.75
CA GLU D 105 11.46 6.66 -7.50
C GLU D 105 9.93 6.45 -7.46
N VAL D 106 9.43 5.55 -8.30
CA VAL D 106 8.00 5.24 -8.26
C VAL D 106 7.64 4.56 -6.92
N LYS D 107 8.51 3.70 -6.43
CA LYS D 107 8.22 2.93 -5.23
C LYS D 107 8.13 3.89 -4.06
N HIS D 108 9.10 4.78 -3.98
CA HIS D 108 9.13 5.77 -2.93
C HIS D 108 7.91 6.69 -2.98
N LEU D 109 7.59 7.20 -4.16
CA LEU D 109 6.44 8.07 -4.28
C LEU D 109 5.15 7.39 -3.90
N LYS D 110 4.96 6.13 -4.30
CA LYS D 110 3.72 5.41 -3.96
C LYS D 110 3.62 5.30 -2.45
N HIS D 111 4.76 5.25 -1.79
CA HIS D 111 4.82 5.10 -0.35
C HIS D 111 4.39 6.41 0.33
N ASN D 112 5.03 7.51 -0.05
CA ASN D 112 4.65 8.81 0.48
C ASN D 112 3.21 9.17 0.17
N LEU D 113 2.73 8.75 -0.99
CA LEU D 113 1.33 8.99 -1.28
C LEU D 113 0.50 8.33 -0.20
N GLU D 114 0.87 7.12 0.22
CA GLU D 114 0.05 6.38 1.17
C GLU D 114 0.20 6.96 2.58
N LYS D 115 1.44 7.29 2.94
CA LYS D 115 1.74 7.88 4.23
C LYS D 115 1.06 9.22 4.41
N VAL D 116 1.34 10.16 3.52
CA VAL D 116 0.71 11.47 3.64
C VAL D 116 -0.80 11.37 3.61
N GLU D 117 -1.33 10.50 2.79
CA GLU D 117 -2.79 10.35 2.75
C GLU D 117 -3.30 9.92 4.10
N GLY D 118 -2.55 9.04 4.77
CA GLY D 118 -2.98 8.52 6.06
C GLY D 118 -3.11 9.66 7.08
N GLU D 119 -2.09 10.52 7.10
CA GLU D 119 -2.01 11.64 8.01
C GLU D 119 -3.15 12.61 7.75
N ARG D 120 -3.32 13.04 6.52
CA ARG D 120 -4.46 13.86 6.18
C ARG D 120 -5.74 13.27 6.76
N LYS D 121 -5.84 11.94 6.77
CA LYS D 121 -7.06 11.31 7.21
C LYS D 121 -7.14 11.36 8.75
N GLU D 122 -5.99 11.19 9.40
CA GLU D 122 -5.91 11.33 10.83
C GLU D 122 -6.32 12.75 11.27
N ALA D 123 -5.66 13.75 10.70
CA ALA D 123 -5.99 15.14 10.98
C ALA D 123 -7.48 15.36 10.81
N GLN D 124 -8.06 14.82 9.75
CA GLN D 124 -9.47 15.07 9.53
C GLN D 124 -10.35 14.47 10.62
N ASP D 125 -9.94 13.34 11.17
CA ASP D 125 -10.78 12.65 12.14
C ASP D 125 -10.73 13.46 13.45
N MSE D 126 -9.50 13.75 13.87
CA MSE D 126 -9.24 14.59 15.03
CA MSE D 126 -9.23 14.61 15.02
C MSE D 126 -9.96 15.95 14.94
O MSE D 126 -10.50 16.43 15.94
CB MSE D 126 -7.71 14.75 15.23
CB MSE D 126 -7.73 14.83 15.17
CG MSE D 126 -6.99 13.43 15.59
CG MSE D 126 -7.04 13.78 16.02
SE MSE D 126 -5.01 13.38 15.67
SE MSE D 126 -8.17 13.20 17.50
CE MSE D 126 -4.72 14.76 17.03
CE MSE D 126 -8.77 14.97 18.17
N LEU D 127 -9.98 16.55 13.77
CA LEU D 127 -10.66 17.81 13.55
C LEU D 127 -12.13 17.60 13.85
N ASN D 128 -12.66 16.48 13.42
CA ASN D 128 -14.09 16.25 13.56
C ASN D 128 -14.49 15.88 14.97
N HIS D 129 -13.60 15.19 15.66
CA HIS D 129 -13.76 14.86 17.05
C HIS D 129 -13.68 16.15 17.88
N SER D 130 -12.59 16.90 17.70
CA SER D 130 -12.43 18.18 18.37
C SER D 130 -13.67 19.05 18.21
N GLU D 131 -14.03 19.37 16.97
CA GLU D 131 -15.27 20.12 16.73
C GLU D 131 -16.48 19.55 17.46
N LYS D 132 -16.64 18.24 17.46
CA LYS D 132 -17.80 17.63 18.09
C LYS D 132 -17.72 17.82 19.61
N GLU D 133 -16.53 17.62 20.16
CA GLU D 133 -16.30 17.75 21.57
C GLU D 133 -16.59 19.18 22.03
N LYS D 134 -16.12 20.17 21.28
CA LYS D 134 -16.39 21.56 21.63
C LYS D 134 -17.90 21.80 21.55
N ASN D 135 -18.54 21.28 20.52
CA ASN D 135 -19.97 21.49 20.34
C ASN D 135 -20.82 20.93 21.49
N ASN D 136 -20.65 19.65 21.79
CA ASN D 136 -21.38 19.08 22.91
C ASN D 136 -21.18 19.88 24.19
N LEU D 137 -19.95 20.33 24.44
CA LEU D 137 -19.66 21.07 25.64
C LEU D 137 -20.57 22.28 25.67
N GLU D 138 -20.53 23.08 24.63
CA GLU D 138 -21.36 24.27 24.58
C GLU D 138 -22.82 23.89 24.79
N ILE D 139 -23.31 22.86 24.11
CA ILE D 139 -24.72 22.56 24.25
C ILE D 139 -25.11 22.20 25.67
N ASP D 140 -24.30 21.35 26.31
CA ASP D 140 -24.56 20.93 27.67
C ASP D 140 -24.51 22.14 28.63
N LEU D 141 -23.36 22.83 28.68
CA LEU D 141 -23.20 24.01 29.49
C LEU D 141 -24.32 25.00 29.25
N ASN D 142 -24.61 25.28 27.99
CA ASN D 142 -25.66 26.24 27.69
C ASN D 142 -26.97 25.80 28.32
N TYR D 143 -27.28 24.50 28.23
CA TYR D 143 -28.54 24.01 28.79
C TYR D 143 -28.60 24.23 30.30
N LYS D 144 -27.58 23.75 31.01
CA LYS D 144 -27.50 23.95 32.46
C LYS D 144 -27.55 25.44 32.83
N LEU D 145 -26.70 26.27 32.24
CA LEU D 145 -26.77 27.70 32.52
C LEU D 145 -28.17 28.30 32.33
N LYS D 146 -28.82 27.96 31.24
CA LYS D 146 -30.18 28.40 30.99
C LYS D 146 -31.05 28.18 32.22
N SER D 147 -31.11 26.95 32.70
CA SER D 147 -32.07 26.59 33.74
C SER D 147 -31.72 27.21 35.09
N LEU D 148 -30.45 27.13 35.47
CA LEU D 148 -29.97 27.79 36.68
C LEU D 148 -30.37 29.26 36.67
N GLN D 149 -30.04 29.99 35.60
CA GLN D 149 -30.28 31.43 35.63
C GLN D 149 -31.75 31.78 35.53
N GLN D 150 -32.57 30.83 35.09
CA GLN D 150 -33.99 31.13 35.05
C GLN D 150 -34.61 31.00 36.42
N ARG D 151 -34.28 29.93 37.15
CA ARG D 151 -34.61 29.82 38.55
C ARG D 151 -34.24 31.09 39.31
N LEU D 152 -32.98 31.52 39.20
CA LEU D 152 -32.50 32.71 39.89
C LEU D 152 -33.22 33.97 39.45
N GLU D 153 -33.50 34.08 38.15
CA GLU D 153 -34.26 35.21 37.63
C GLU D 153 -35.60 35.33 38.37
N GLN D 154 -36.37 34.24 38.35
CA GLN D 154 -37.63 34.17 39.06
C GLN D 154 -37.48 34.74 40.47
N GLU D 155 -36.61 34.14 41.28
CA GLU D 155 -36.32 34.61 42.63
C GLU D 155 -35.98 36.10 42.67
N VAL D 156 -35.00 36.52 41.89
CA VAL D 156 -34.61 37.93 41.92
C VAL D 156 -35.84 38.84 41.74
N ASN D 157 -36.83 38.35 40.99
CA ASN D 157 -38.04 39.14 40.69
C ASN D 157 -39.14 39.07 41.77
N GLU D 158 -39.38 37.89 42.33
CA GLU D 158 -40.28 37.75 43.47
C GLU D 158 -39.84 38.62 44.64
N HIS D 159 -38.57 39.00 44.65
CA HIS D 159 -37.99 39.73 45.77
C HIS D 159 -37.63 41.16 45.38
N LYS D 160 -38.33 41.71 44.39
CA LYS D 160 -38.00 43.05 43.90
C LYS D 160 -38.88 44.14 44.50
N VAL D 161 -40.16 43.81 44.72
CA VAL D 161 -41.12 44.75 45.30
C VAL D 161 -40.99 46.17 44.71
#